data_8Y6X
#
_entry.id   8Y6X
#
_cell.length_a   125.494
_cell.length_b   125.494
_cell.length_c   115.507
_cell.angle_alpha   90.00
_cell.angle_beta   90.00
_cell.angle_gamma   90.00
#
_symmetry.space_group_name_H-M   'P 43'
#
loop_
_entity.id
_entity.type
_entity.pdbx_description
1 polymer 'Major histocompatibility complex class I-related gene protein'
2 polymer Beta-2-microglobulin
3 polymer 'MAIT T cell receptor (A-F7) alpha chain'
4 polymer 'MAIT T cell receptor (A-F7) beta chain'
5 non-polymer 5-(2-oxidanylidenepropyl)-8-[(2~{S},3~{S},4~{R})-2,3,4,5-tetrakis(oxidanyl)pentyl]-1,7-dihydropteridine-2,4,6-trione
#
loop_
_entity_poly.entity_id
_entity_poly.type
_entity_poly.pdbx_seq_one_letter_code
_entity_poly.pdbx_strand_id
1 'polypeptide(L)'
;MRTHSLRYFRLGVSDPIHGVPEFISVGYVDSHPITTYDSVTRQKEPRAPWMAENLAPDHWERYTQLLRGWQQMFKVELKR
LQRHYNHSGSHTYQRMIGCELLEDGSTTGFLQYAYDGQDFLIFNKDTLSWLAVDNVAHTIKQAWEANQHELLYQKNWLEE
ECIAWLKRFLEYGKDTLQRTEPPLVRVNRKETFPGVTALFCKAHGFYPPEIYMTWMKNGEEIVQEIDYGDILPSGDGTYQ
AWASIELDPQSSNLYSCHVEHSGVHMVLQVP
;
A
2 'polypeptide(L)'
;MIQRTPKIQVYSRHPAENGKSNFLNCYVSGFHPSDIEVDLLKNGERIEKVEHSDLSFSKDWSFYLLYYTEFTPTEKDEYA
CRVNHVTLSQPKIVKWDRDM
;
B
3 'polypeptide(L)'
;GQNIDQPTEMTATEGAIVQINCTYQTSGFNGLFWYQQHAGEAPTFLSYNVLDGLEEKGRFSSFLSRSKGYSYLLLKELQM
KDSASYLCAVKDSNYQLIWGAGTKLIIKPDIQNPDPAVYQLRDSKSSDKSVCLFTDFDSQTNVSQSKDSDVYITDKCVLD
MRSMDFKSNSAVAWSNKSDFACANAFNNSIIPEDTFFPSPESS
;
D
4 'polypeptide(L)'
;NAGVTQTPKFQVLKTGQSMTLQCAQDMNHNSMYWYRQDPGMGLRLIYYSASEGTTDKGEVPNGYNVSRLNKREFSLRLES
AAPSQTSVYFCASSVWTGEGSGELFFGEGSRLTVLEDLKNVFPPEVAVFEPSEAEISHTQKATLVCLATGFYPDHVELSW
WVNGKEVHSGVCTDPQPLKEQPALNDSRYALSSRLRVSATFWQNPRNHFRCQVQFYGLSENDEWTQDRAKPVTQIVSAEA
WGRAD
;
E
#
loop_
_chem_comp.id
_chem_comp.type
_chem_comp.name
_chem_comp.formula
A1LXU non-polymer 5-(2-oxidanylidenepropyl)-8-[(2~{S},3~{S},4~{R})-2,3,4,5-tetrakis(oxidanyl)pentyl]-1,7-dihydropteridine-2,4,6-trione 'C14 H20 N4 O8'
#
# COMPACT_ATOMS: atom_id res chain seq x y z
N MET A 1 -16.25 -17.80 -26.15
CA MET A 1 -17.07 -17.11 -25.16
C MET A 1 -17.69 -15.84 -25.75
N ARG A 2 -18.19 -14.97 -24.87
CA ARG A 2 -18.73 -13.66 -25.21
C ARG A 2 -17.90 -12.58 -24.53
N THR A 3 -18.35 -11.33 -24.63
CA THR A 3 -17.70 -10.24 -23.90
C THR A 3 -18.17 -10.22 -22.46
N HIS A 4 -17.22 -9.98 -21.55
CA HIS A 4 -17.50 -9.94 -20.12
C HIS A 4 -16.85 -8.69 -19.52
N SER A 5 -17.49 -8.14 -18.49
CA SER A 5 -17.06 -6.87 -17.92
C SER A 5 -17.00 -6.97 -16.41
N LEU A 6 -16.12 -6.16 -15.81
CA LEU A 6 -16.03 -6.00 -14.37
C LEU A 6 -16.04 -4.51 -14.05
N ARG A 7 -17.01 -4.08 -13.24
CA ARG A 7 -17.20 -2.66 -12.96
C ARG A 7 -17.33 -2.47 -11.45
N TYR A 8 -16.88 -1.32 -10.97
CA TYR A 8 -16.91 -0.99 -9.54
C TYR A 8 -17.37 0.45 -9.39
N PHE A 9 -18.61 0.63 -8.92
CA PHE A 9 -19.21 1.94 -8.72
C PHE A 9 -19.06 2.40 -7.28
N ARG A 10 -18.96 3.71 -7.09
CA ARG A 10 -19.02 4.35 -5.78
C ARG A 10 -20.03 5.49 -5.85
N LEU A 11 -20.89 5.61 -4.84
CA LEU A 11 -21.85 6.69 -4.76
C LEU A 11 -21.66 7.45 -3.44
N GLY A 12 -21.66 8.77 -3.53
CA GLY A 12 -21.61 9.61 -2.34
C GLY A 12 -22.68 10.67 -2.35
N VAL A 13 -23.37 10.85 -1.23
CA VAL A 13 -24.40 11.88 -1.09
C VAL A 13 -23.99 12.80 0.06
N SER A 14 -24.03 14.10 -0.19
CA SER A 14 -23.53 15.06 0.79
C SER A 14 -24.46 15.19 1.99
N ASP A 15 -25.78 15.14 1.78
CA ASP A 15 -26.75 15.30 2.86
C ASP A 15 -27.70 14.11 2.85
N PRO A 16 -27.29 13.00 3.47
CA PRO A 16 -28.10 11.79 3.40
C PRO A 16 -29.40 11.93 4.16
N ILE A 17 -30.46 11.34 3.59
CA ILE A 17 -31.71 11.17 4.33
C ILE A 17 -31.52 10.03 5.33
N HIS A 18 -32.32 10.07 6.39
CA HIS A 18 -32.28 8.98 7.37
C HIS A 18 -32.36 7.64 6.67
N GLY A 19 -31.33 6.84 6.86
CA GLY A 19 -31.24 5.55 6.19
C GLY A 19 -30.47 5.54 4.88
N VAL A 20 -30.77 6.47 3.99
CA VAL A 20 -30.07 6.58 2.71
C VAL A 20 -28.58 6.80 2.98
N PRO A 21 -27.73 5.80 2.74
CA PRO A 21 -26.34 5.90 3.18
C PRO A 21 -25.59 6.96 2.41
N GLU A 22 -24.55 7.52 3.05
CA GLU A 22 -23.71 8.52 2.40
C GLU A 22 -22.57 7.90 1.62
N PHE A 23 -22.44 6.57 1.62
CA PHE A 23 -21.48 5.89 0.76
C PHE A 23 -22.00 4.50 0.44
N ILE A 24 -21.95 4.14 -0.85
CA ILE A 24 -22.30 2.81 -1.33
C ILE A 24 -21.31 2.43 -2.43
N SER A 25 -20.80 1.19 -2.37
CA SER A 25 -19.88 0.70 -3.39
C SER A 25 -20.30 -0.71 -3.78
N VAL A 26 -20.65 -0.89 -5.05
CA VAL A 26 -21.18 -2.14 -5.56
C VAL A 26 -20.35 -2.59 -6.75
N GLY A 27 -20.03 -3.87 -6.80
CA GLY A 27 -19.23 -4.45 -7.87
C GLY A 27 -20.08 -5.39 -8.73
N TYR A 28 -19.86 -5.32 -10.04
CA TYR A 28 -20.64 -6.07 -11.01
C TYR A 28 -19.71 -6.86 -11.92
N VAL A 29 -20.18 -8.04 -12.33
CA VAL A 29 -19.57 -8.80 -13.41
C VAL A 29 -20.63 -8.95 -14.50
N ASP A 30 -20.34 -8.41 -15.68
CA ASP A 30 -21.40 -8.20 -16.65
C ASP A 30 -22.51 -7.43 -15.97
N SER A 31 -23.62 -8.11 -15.68
CA SER A 31 -24.80 -7.51 -15.09
C SER A 31 -25.10 -8.03 -13.68
N HIS A 32 -24.26 -8.89 -13.13
CA HIS A 32 -24.54 -9.53 -11.85
C HIS A 32 -23.80 -8.84 -10.74
N PRO A 33 -24.48 -8.33 -9.71
CA PRO A 33 -23.78 -7.76 -8.56
C PRO A 33 -23.01 -8.84 -7.81
N ILE A 34 -21.77 -8.48 -7.42
CA ILE A 34 -20.89 -9.45 -6.78
C ILE A 34 -20.51 -8.97 -5.38
N THR A 35 -20.47 -7.65 -5.19
CA THR A 35 -20.01 -7.10 -3.92
C THR A 35 -20.79 -5.84 -3.59
N THR A 36 -20.88 -5.53 -2.30
CA THR A 36 -21.59 -4.35 -1.83
C THR A 36 -20.97 -3.89 -0.52
N TYR A 37 -20.94 -2.57 -0.34
CA TYR A 37 -20.48 -1.94 0.89
C TYR A 37 -21.19 -0.61 1.01
N ASP A 38 -21.44 -0.17 2.23
CA ASP A 38 -22.08 1.13 2.43
C ASP A 38 -21.69 1.68 3.78
N SER A 39 -21.89 3.00 3.94
CA SER A 39 -21.47 3.72 5.13
C SER A 39 -22.19 3.25 6.38
N VAL A 40 -23.31 2.53 6.23
CA VAL A 40 -24.11 2.08 7.37
C VAL A 40 -23.57 0.76 7.91
N THR A 41 -23.58 -0.28 7.06
CA THR A 41 -23.01 -1.56 7.47
C THR A 41 -21.52 -1.44 7.70
N ARG A 42 -20.85 -0.53 7.00
CA ARG A 42 -19.41 -0.30 7.12
C ARG A 42 -18.61 -1.57 6.88
N GLN A 43 -19.24 -2.58 6.30
CA GLN A 43 -18.51 -3.77 5.89
C GLN A 43 -18.88 -4.24 4.49
N LYS A 44 -17.92 -4.89 3.83
CA LYS A 44 -18.07 -5.34 2.49
C LYS A 44 -18.55 -6.78 2.50
N GLU A 45 -19.56 -7.04 1.68
CA GLU A 45 -20.18 -8.36 1.62
C GLU A 45 -20.49 -8.77 0.18
N PRO A 46 -20.50 -10.08 -0.09
CA PRO A 46 -20.86 -10.55 -1.42
C PRO A 46 -22.35 -10.45 -1.66
N ARG A 47 -22.70 -10.27 -2.93
CA ARG A 47 -24.10 -10.30 -3.34
C ARG A 47 -24.43 -11.51 -4.21
N ALA A 48 -23.46 -12.41 -4.43
CA ALA A 48 -23.67 -13.62 -5.19
C ALA A 48 -23.14 -14.80 -4.39
N PRO A 49 -23.89 -15.91 -4.34
CA PRO A 49 -23.43 -17.05 -3.52
C PRO A 49 -22.05 -17.55 -3.93
N TRP A 50 -21.76 -17.60 -5.23
CA TRP A 50 -20.49 -18.11 -5.69
C TRP A 50 -19.32 -17.17 -5.38
N MET A 51 -19.60 -15.92 -5.00
CA MET A 51 -18.55 -15.04 -4.52
C MET A 51 -18.10 -15.45 -3.12
N ALA A 52 -19.06 -15.71 -2.23
CA ALA A 52 -18.72 -16.10 -0.87
C ALA A 52 -18.14 -17.50 -0.81
N GLU A 53 -18.63 -18.40 -1.67
CA GLU A 53 -18.14 -19.76 -1.69
C GLU A 53 -16.67 -19.84 -2.07
N ASN A 54 -16.13 -18.81 -2.73
CA ASN A 54 -14.81 -18.90 -3.34
C ASN A 54 -13.80 -17.88 -2.80
N LEU A 55 -14.22 -16.93 -1.95
CA LEU A 55 -13.30 -15.94 -1.41
C LEU A 55 -13.18 -16.14 0.09
N ALA A 56 -11.94 -16.27 0.58
CA ALA A 56 -11.71 -16.55 1.98
C ALA A 56 -12.14 -15.35 2.83
N PRO A 57 -12.48 -15.57 4.09
CA PRO A 57 -12.92 -14.45 4.93
C PRO A 57 -11.88 -13.35 5.05
N ASP A 58 -10.59 -13.70 5.07
CA ASP A 58 -9.56 -12.67 5.14
C ASP A 58 -9.65 -11.71 3.96
N HIS A 59 -10.17 -12.18 2.82
CA HIS A 59 -10.38 -11.27 1.70
C HIS A 59 -11.39 -10.19 2.05
N TRP A 60 -12.56 -10.60 2.55
CA TRP A 60 -13.58 -9.62 2.93
C TRP A 60 -13.10 -8.75 4.08
N GLU A 61 -12.44 -9.34 5.06
CA GLU A 61 -11.85 -8.56 6.14
C GLU A 61 -10.94 -7.47 5.57
N ARG A 62 -10.06 -7.85 4.63
CA ARG A 62 -9.07 -6.91 4.11
C ARG A 62 -9.73 -5.78 3.32
N TYR A 63 -10.61 -6.12 2.38
CA TYR A 63 -11.23 -5.10 1.56
C TYR A 63 -12.25 -4.28 2.33
N THR A 64 -12.82 -4.82 3.41
CA THR A 64 -13.66 -4.02 4.28
C THR A 64 -12.87 -2.84 4.82
N GLN A 65 -11.65 -3.10 5.30
CA GLN A 65 -10.81 -2.01 5.81
C GLN A 65 -10.49 -1.01 4.70
N LEU A 66 -10.15 -1.51 3.51
CA LEU A 66 -9.84 -0.61 2.40
C LEU A 66 -11.04 0.26 2.06
N LEU A 67 -12.22 -0.33 1.97
CA LEU A 67 -13.41 0.44 1.61
C LEU A 67 -13.72 1.50 2.65
N ARG A 68 -13.45 1.22 3.92
CA ARG A 68 -13.69 2.22 4.95
C ARG A 68 -12.86 3.47 4.69
N GLY A 69 -11.58 3.29 4.36
CA GLY A 69 -10.75 4.43 4.00
C GLY A 69 -11.19 5.07 2.71
N TRP A 70 -11.56 4.25 1.72
CA TRP A 70 -12.06 4.79 0.46
C TRP A 70 -13.35 5.58 0.69
N GLN A 71 -14.22 5.09 1.57
CA GLN A 71 -15.42 5.84 1.93
C GLN A 71 -15.04 7.21 2.48
N GLN A 72 -14.02 7.26 3.34
CA GLN A 72 -13.55 8.53 3.87
C GLN A 72 -12.97 9.40 2.75
N MET A 73 -12.16 8.81 1.88
CA MET A 73 -11.62 9.54 0.74
C MET A 73 -12.75 10.20 -0.04
N PHE A 74 -13.80 9.44 -0.33
CA PHE A 74 -14.91 9.96 -1.13
C PHE A 74 -15.60 11.12 -0.42
N LYS A 75 -15.81 10.99 0.89
CA LYS A 75 -16.44 12.07 1.64
C LYS A 75 -15.67 13.37 1.48
N VAL A 76 -14.34 13.31 1.58
CA VAL A 76 -13.53 14.52 1.47
C VAL A 76 -13.57 15.06 0.04
N GLU A 77 -13.43 14.18 -0.93
CA GLU A 77 -13.46 14.62 -2.33
C GLU A 77 -14.74 15.39 -2.62
N LEU A 78 -15.88 14.84 -2.20
CA LEU A 78 -17.16 15.51 -2.46
C LEU A 78 -17.22 16.87 -1.78
N LYS A 79 -16.66 16.98 -0.57
CA LYS A 79 -16.61 18.27 0.11
C LYS A 79 -15.87 19.30 -0.74
N ARG A 80 -14.68 18.93 -1.23
CA ARG A 80 -13.88 19.88 -2.00
C ARG A 80 -14.60 20.30 -3.28
N LEU A 81 -15.26 19.36 -3.96
CA LEU A 81 -16.01 19.72 -5.14
C LEU A 81 -17.11 20.72 -4.80
N GLN A 82 -17.86 20.47 -3.74
CA GLN A 82 -18.92 21.39 -3.36
C GLN A 82 -18.36 22.75 -2.97
N ARG A 83 -17.23 22.77 -2.27
CA ARG A 83 -16.54 24.03 -2.00
C ARG A 83 -16.11 24.71 -3.29
N HIS A 84 -15.50 23.95 -4.20
CA HIS A 84 -15.07 24.52 -5.48
C HIS A 84 -16.27 25.03 -6.26
N TYR A 85 -17.34 24.24 -6.32
CA TYR A 85 -18.54 24.63 -7.04
C TYR A 85 -19.34 25.69 -6.31
N ASN A 86 -18.98 25.99 -5.06
CA ASN A 86 -19.79 26.88 -4.22
C ASN A 86 -21.21 26.36 -4.12
N HIS A 87 -21.33 25.04 -3.95
CA HIS A 87 -22.61 24.36 -3.85
C HIS A 87 -22.93 24.01 -2.40
N SER A 88 -24.21 24.04 -2.06
CA SER A 88 -24.67 23.67 -0.74
C SER A 88 -25.89 22.78 -0.87
N GLY A 89 -26.10 21.93 0.13
CA GLY A 89 -27.20 20.99 0.12
C GLY A 89 -26.73 19.58 -0.18
N SER A 90 -27.61 18.76 -0.75
CA SER A 90 -27.27 17.39 -1.10
C SER A 90 -26.70 17.37 -2.51
N HIS A 91 -25.59 16.66 -2.68
CA HIS A 91 -24.97 16.51 -3.99
C HIS A 91 -24.37 15.11 -4.10
N THR A 92 -24.27 14.62 -5.34
CA THR A 92 -23.83 13.26 -5.59
C THR A 92 -22.46 13.26 -6.23
N TYR A 93 -21.57 12.45 -5.68
CA TYR A 93 -20.27 12.14 -6.27
C TYR A 93 -20.28 10.67 -6.66
N GLN A 94 -19.89 10.37 -7.89
CA GLN A 94 -19.88 9.01 -8.39
C GLN A 94 -18.59 8.74 -9.13
N ARG A 95 -18.24 7.45 -9.19
CA ARG A 95 -17.01 6.99 -9.82
C ARG A 95 -17.21 5.55 -10.28
N MET A 96 -16.94 5.29 -11.55
CA MET A 96 -17.02 3.95 -12.11
C MET A 96 -15.66 3.55 -12.67
N ILE A 97 -15.15 2.42 -12.20
CA ILE A 97 -13.92 1.83 -12.71
C ILE A 97 -14.22 0.41 -13.13
N GLY A 98 -13.56 -0.04 -14.19
CA GLY A 98 -13.78 -1.41 -14.65
C GLY A 98 -12.99 -1.71 -15.90
N CYS A 99 -13.22 -2.91 -16.43
CA CYS A 99 -12.54 -3.39 -17.62
C CYS A 99 -13.46 -4.33 -18.37
N GLU A 100 -13.12 -4.55 -19.64
CA GLU A 100 -13.84 -5.50 -20.48
C GLU A 100 -12.87 -6.51 -21.07
N LEU A 101 -13.31 -7.77 -21.12
CA LEU A 101 -12.60 -8.85 -21.80
C LEU A 101 -13.46 -9.29 -22.98
N LEU A 102 -12.96 -9.04 -24.19
CA LEU A 102 -13.76 -9.24 -25.38
C LEU A 102 -13.67 -10.67 -25.88
N GLU A 103 -14.55 -10.99 -26.85
CA GLU A 103 -14.61 -12.35 -27.37
C GLU A 103 -13.28 -12.78 -27.98
N ASP A 104 -12.62 -11.87 -28.69
CA ASP A 104 -11.37 -12.18 -29.38
C ASP A 104 -10.15 -12.12 -28.46
N GLY A 105 -10.33 -11.81 -27.19
CA GLY A 105 -9.23 -11.73 -26.25
C GLY A 105 -8.70 -10.34 -26.01
N SER A 106 -9.15 -9.35 -26.78
CA SER A 106 -8.75 -7.97 -26.54
C SER A 106 -9.42 -7.42 -25.28
N THR A 107 -8.74 -6.49 -24.62
CA THR A 107 -9.21 -5.91 -23.37
C THR A 107 -9.38 -4.40 -23.48
N THR A 108 -10.26 -3.87 -22.64
CA THR A 108 -10.47 -2.44 -22.48
C THR A 108 -10.51 -2.09 -21.01
N GLY A 109 -10.28 -0.82 -20.72
CA GLY A 109 -10.34 -0.33 -19.35
C GLY A 109 -10.82 1.10 -19.33
N PHE A 110 -11.51 1.46 -18.25
CA PHE A 110 -12.12 2.77 -18.15
C PHE A 110 -12.14 3.21 -16.69
N LEU A 111 -12.16 4.53 -16.50
CA LEU A 111 -12.24 5.11 -15.16
C LEU A 111 -12.77 6.52 -15.30
N GLN A 112 -13.86 6.83 -14.59
CA GLN A 112 -14.48 8.14 -14.73
C GLN A 112 -15.25 8.48 -13.46
N TYR A 113 -15.50 9.78 -13.28
CA TYR A 113 -16.17 10.35 -12.12
C TYR A 113 -17.32 11.24 -12.59
N ALA A 114 -18.30 11.45 -11.71
CA ALA A 114 -19.46 12.27 -12.07
C ALA A 114 -19.99 13.02 -10.87
N TYR A 115 -20.32 14.30 -11.07
CA TYR A 115 -20.86 15.18 -10.04
C TYR A 115 -22.31 15.51 -10.37
N ASP A 116 -23.21 15.20 -9.44
CA ASP A 116 -24.65 15.35 -9.66
C ASP A 116 -25.10 14.60 -10.91
N GLY A 117 -24.58 13.39 -11.10
CA GLY A 117 -24.91 12.59 -12.25
C GLY A 117 -24.38 13.13 -13.56
N GLN A 118 -23.43 14.05 -13.50
CA GLN A 118 -22.88 14.73 -14.68
C GLN A 118 -21.47 14.21 -14.90
N ASP A 119 -21.15 13.86 -16.15
CA ASP A 119 -19.80 13.48 -16.51
C ASP A 119 -18.83 14.56 -16.02
N PHE A 120 -17.92 14.19 -15.11
CA PHE A 120 -17.01 15.15 -14.50
C PHE A 120 -15.58 14.97 -14.96
N LEU A 121 -15.00 13.79 -14.79
CA LEU A 121 -13.65 13.50 -15.23
C LEU A 121 -13.58 12.11 -15.82
N ILE A 122 -12.86 11.96 -16.92
CA ILE A 122 -12.71 10.69 -17.62
C ILE A 122 -11.23 10.42 -17.80
N PHE A 123 -10.78 9.24 -17.38
CA PHE A 123 -9.38 8.87 -17.48
C PHE A 123 -9.08 8.30 -18.85
N ASN A 124 -7.83 8.46 -19.27
CA ASN A 124 -7.35 7.91 -20.54
C ASN A 124 -6.08 7.12 -20.29
N LYS A 125 -6.21 5.80 -20.20
CA LYS A 125 -5.06 4.94 -19.93
C LYS A 125 -4.09 4.87 -21.11
N ASP A 126 -4.46 5.42 -22.27
CA ASP A 126 -3.61 5.35 -23.44
C ASP A 126 -2.80 6.62 -23.67
N THR A 127 -3.17 7.74 -23.04
CA THR A 127 -2.36 8.94 -23.06
C THR A 127 -1.92 9.37 -21.67
N LEU A 128 -2.26 8.61 -20.63
CA LEU A 128 -1.94 8.95 -19.25
C LEU A 128 -2.33 10.39 -18.96
N SER A 129 -3.62 10.67 -19.15
CA SER A 129 -4.15 12.01 -18.95
C SER A 129 -5.61 11.92 -18.58
N TRP A 130 -6.13 13.04 -18.08
CA TRP A 130 -7.52 13.15 -17.66
C TRP A 130 -8.26 14.11 -18.58
N LEU A 131 -9.54 13.82 -18.80
CA LEU A 131 -10.41 14.67 -19.61
C LEU A 131 -11.36 15.42 -18.68
N ALA A 132 -11.20 16.74 -18.61
CA ALA A 132 -12.05 17.56 -17.77
C ALA A 132 -13.23 18.10 -18.58
N VAL A 133 -14.42 18.06 -17.99
CA VAL A 133 -15.62 18.55 -18.66
C VAL A 133 -15.88 20.03 -18.41
N ASP A 134 -15.34 20.60 -17.33
CA ASP A 134 -15.49 22.01 -17.03
C ASP A 134 -14.28 22.46 -16.24
N ASN A 135 -14.31 23.73 -15.82
CA ASN A 135 -13.13 24.31 -15.20
C ASN A 135 -12.83 23.68 -13.84
N VAL A 136 -13.88 23.36 -13.08
CA VAL A 136 -13.64 22.71 -11.79
C VAL A 136 -12.91 21.39 -11.98
N ALA A 137 -13.34 20.59 -12.97
CA ALA A 137 -12.66 19.35 -13.26
C ALA A 137 -11.21 19.59 -13.68
N HIS A 138 -10.99 20.60 -14.54
CA HIS A 138 -9.63 20.90 -14.98
C HIS A 138 -8.72 21.23 -13.81
N THR A 139 -9.24 21.99 -12.84
CA THR A 139 -8.46 22.26 -11.63
C THR A 139 -8.10 20.97 -10.91
N ILE A 140 -9.06 20.05 -10.81
CA ILE A 140 -8.77 18.74 -10.24
C ILE A 140 -7.81 17.97 -11.14
N LYS A 141 -7.99 18.07 -12.46
CA LYS A 141 -7.11 17.38 -13.39
C LYS A 141 -5.68 17.87 -13.27
N GLN A 142 -5.49 19.18 -13.12
CA GLN A 142 -4.15 19.73 -12.95
C GLN A 142 -3.43 19.05 -11.80
N ALA A 143 -4.11 18.91 -10.66
CA ALA A 143 -3.49 18.29 -9.50
C ALA A 143 -3.27 16.80 -9.73
N TRP A 144 -4.30 16.09 -10.20
CA TRP A 144 -4.20 14.65 -10.38
C TRP A 144 -3.10 14.27 -11.36
N GLU A 145 -2.97 15.04 -12.44
CA GLU A 145 -1.96 14.75 -13.45
C GLU A 145 -0.56 15.00 -12.94
N ALA A 146 -0.43 15.73 -11.81
CA ALA A 146 0.89 16.02 -11.26
C ALA A 146 1.62 14.76 -10.86
N ASN A 147 0.97 13.92 -10.05
CA ASN A 147 1.56 12.64 -9.62
C ASN A 147 1.52 11.66 -10.79
N GLN A 148 2.51 11.80 -11.67
CA GLN A 148 2.59 10.94 -12.85
C GLN A 148 2.62 9.47 -12.45
N HIS A 149 3.11 9.17 -11.24
CA HIS A 149 3.16 7.78 -10.79
C HIS A 149 1.76 7.19 -10.66
N GLU A 150 0.81 7.96 -10.13
CA GLU A 150 -0.53 7.43 -9.95
C GLU A 150 -1.19 7.09 -11.28
N LEU A 151 -1.01 7.95 -12.28
CA LEU A 151 -1.55 7.65 -13.60
C LEU A 151 -1.01 6.31 -14.13
N LEU A 152 0.31 6.09 -13.99
CA LEU A 152 0.90 4.83 -14.42
C LEU A 152 0.29 3.66 -13.65
N TYR A 153 0.18 3.80 -12.35
CA TYR A 153 -0.42 2.74 -11.56
C TYR A 153 -1.86 2.49 -12.01
N GLN A 154 -2.61 3.57 -12.27
CA GLN A 154 -3.97 3.46 -12.80
C GLN A 154 -4.00 2.57 -14.05
N LYS A 155 -3.12 2.87 -15.00
CA LYS A 155 -3.07 2.11 -16.25
C LYS A 155 -2.82 0.63 -15.98
N ASN A 156 -1.84 0.33 -15.12
CA ASN A 156 -1.53 -1.07 -14.84
C ASN A 156 -2.72 -1.79 -14.24
N TRP A 157 -3.40 -1.16 -13.27
CA TRP A 157 -4.54 -1.84 -12.65
C TRP A 157 -5.65 -2.07 -13.67
N LEU A 158 -6.00 -1.04 -14.44
CA LEU A 158 -7.07 -1.20 -15.42
C LEU A 158 -6.73 -2.28 -16.44
N GLU A 159 -5.46 -2.33 -16.88
CA GLU A 159 -5.10 -3.23 -17.98
C GLU A 159 -4.79 -4.64 -17.50
N GLU A 160 -4.20 -4.79 -16.33
CA GLU A 160 -3.77 -6.10 -15.87
C GLU A 160 -4.55 -6.58 -14.65
N GLU A 161 -4.55 -5.81 -13.57
CA GLU A 161 -5.20 -6.26 -12.35
C GLU A 161 -6.69 -6.47 -12.55
N CYS A 162 -7.35 -5.52 -13.20
CA CYS A 162 -8.78 -5.63 -13.42
C CYS A 162 -9.11 -6.89 -14.21
N ILE A 163 -8.40 -7.14 -15.31
CA ILE A 163 -8.66 -8.33 -16.11
C ILE A 163 -8.43 -9.59 -15.29
N ALA A 164 -7.34 -9.61 -14.52
CA ALA A 164 -7.05 -10.79 -13.71
C ALA A 164 -8.18 -11.03 -12.71
N TRP A 165 -8.64 -9.96 -12.06
CA TRP A 165 -9.80 -10.07 -11.18
C TRP A 165 -11.00 -10.62 -11.94
N LEU A 166 -11.30 -10.01 -13.09
CA LEU A 166 -12.49 -10.41 -13.86
C LEU A 166 -12.41 -11.86 -14.30
N LYS A 167 -11.24 -12.29 -14.79
CA LYS A 167 -11.09 -13.69 -15.17
C LYS A 167 -11.35 -14.61 -13.99
N ARG A 168 -10.81 -14.24 -12.82
CA ARG A 168 -11.01 -15.04 -11.62
C ARG A 168 -12.49 -15.24 -11.33
N PHE A 169 -13.26 -14.15 -11.39
CA PHE A 169 -14.69 -14.23 -11.11
C PHE A 169 -15.43 -15.04 -12.18
N LEU A 170 -15.01 -14.92 -13.44
CA LEU A 170 -15.67 -15.68 -14.50
C LEU A 170 -15.68 -17.17 -14.17
N GLU A 171 -14.52 -17.70 -13.74
CA GLU A 171 -14.48 -19.11 -13.36
C GLU A 171 -15.32 -19.35 -12.11
N TYR A 172 -15.27 -18.45 -11.14
CA TYR A 172 -16.01 -18.66 -9.90
C TYR A 172 -17.48 -18.84 -10.16
N GLY A 173 -18.06 -17.97 -10.99
CA GLY A 173 -19.47 -18.07 -11.33
C GLY A 173 -19.69 -18.58 -12.74
N LYS A 174 -18.89 -19.57 -13.15
CA LYS A 174 -19.00 -20.09 -14.51
C LYS A 174 -20.42 -20.54 -14.82
N ASP A 175 -21.03 -21.30 -13.89
CA ASP A 175 -22.34 -21.89 -14.12
C ASP A 175 -23.44 -20.84 -14.26
N THR A 176 -23.17 -19.59 -13.90
CA THR A 176 -24.16 -18.53 -14.01
C THR A 176 -23.78 -17.46 -15.02
N LEU A 177 -22.54 -16.95 -14.93
CA LEU A 177 -22.12 -15.87 -15.82
C LEU A 177 -21.93 -16.35 -17.25
N GLN A 178 -21.48 -17.60 -17.43
CA GLN A 178 -21.12 -18.12 -18.74
C GLN A 178 -22.20 -19.01 -19.34
N ARG A 179 -23.37 -19.06 -18.72
CA ARG A 179 -24.49 -19.88 -19.18
C ARG A 179 -25.23 -19.17 -20.31
N THR A 180 -26.11 -19.92 -20.97
CA THR A 180 -26.97 -19.37 -22.00
C THR A 180 -28.33 -20.07 -21.94
N GLU A 181 -29.39 -19.28 -21.91
CA GLU A 181 -30.75 -19.79 -22.03
C GLU A 181 -31.42 -19.14 -23.23
N PRO A 182 -31.75 -19.89 -24.27
CA PRO A 182 -32.21 -19.26 -25.51
C PRO A 182 -33.58 -18.64 -25.34
N PRO A 183 -33.89 -17.63 -26.13
CA PRO A 183 -35.18 -16.93 -25.98
C PRO A 183 -36.33 -17.67 -26.65
N LEU A 184 -37.52 -17.47 -26.08
CA LEU A 184 -38.76 -17.92 -26.69
C LEU A 184 -39.40 -16.73 -27.38
N VAL A 185 -39.60 -16.83 -28.70
CA VAL A 185 -40.04 -15.71 -29.52
C VAL A 185 -41.41 -16.02 -30.11
N ARG A 186 -42.35 -15.10 -29.91
CA ARG A 186 -43.70 -15.20 -30.44
C ARG A 186 -44.08 -13.87 -31.09
N VAL A 187 -45.14 -13.90 -31.89
CA VAL A 187 -45.61 -12.72 -32.60
C VAL A 187 -47.08 -12.50 -32.28
N ASN A 188 -47.45 -11.24 -32.04
CA ASN A 188 -48.79 -10.84 -31.60
C ASN A 188 -49.42 -9.90 -32.62
N ARG A 189 -50.65 -9.48 -32.32
CA ARG A 189 -51.35 -8.46 -33.09
C ARG A 189 -52.08 -7.54 -32.12
N LYS A 190 -51.96 -6.23 -32.34
CA LYS A 190 -52.55 -5.24 -31.44
C LYS A 190 -52.96 -3.97 -32.20
N THR A 197 -53.73 -1.44 -35.63
CA THR A 197 -53.22 -2.75 -35.25
C THR A 197 -51.82 -3.02 -35.79
N ALA A 198 -50.88 -3.29 -34.89
CA ALA A 198 -49.48 -3.50 -35.22
C ALA A 198 -49.09 -4.95 -34.94
N LEU A 199 -47.81 -5.26 -35.19
CA LEU A 199 -47.26 -6.58 -34.97
C LEU A 199 -46.24 -6.51 -33.84
N PHE A 200 -46.47 -7.31 -32.81
CA PHE A 200 -45.57 -7.38 -31.66
C PHE A 200 -44.77 -8.67 -31.73
N CYS A 201 -43.45 -8.55 -31.79
CA CYS A 201 -42.53 -9.68 -31.80
C CYS A 201 -41.84 -9.71 -30.44
N LYS A 202 -42.34 -10.55 -29.54
CA LYS A 202 -41.92 -10.59 -28.15
C LYS A 202 -40.98 -11.77 -27.92
N ALA A 203 -39.98 -11.55 -27.06
CA ALA A 203 -39.05 -12.61 -26.65
C ALA A 203 -38.85 -12.54 -25.14
N HIS A 204 -38.84 -13.70 -24.49
CA HIS A 204 -38.76 -13.77 -23.04
C HIS A 204 -37.93 -14.97 -22.61
N GLY A 205 -37.41 -14.89 -21.38
CA GLY A 205 -36.66 -15.96 -20.75
C GLY A 205 -35.30 -16.30 -21.33
N PHE A 206 -34.48 -15.29 -21.63
CA PHE A 206 -33.20 -15.50 -22.29
C PHE A 206 -32.08 -14.85 -21.50
N TYR A 207 -30.95 -15.55 -21.39
CA TYR A 207 -29.72 -15.01 -20.84
C TYR A 207 -28.58 -15.41 -21.77
N PRO A 208 -27.56 -14.55 -21.95
CA PRO A 208 -27.36 -13.22 -21.34
C PRO A 208 -28.40 -12.21 -21.81
N PRO A 209 -28.39 -11.02 -21.20
CA PRO A 209 -29.43 -10.02 -21.51
C PRO A 209 -29.28 -9.33 -22.85
N GLU A 210 -28.07 -9.29 -23.43
CA GLU A 210 -27.88 -8.62 -24.70
C GLU A 210 -28.57 -9.39 -25.82
N ILE A 211 -29.43 -8.69 -26.58
CA ILE A 211 -30.17 -9.31 -27.67
C ILE A 211 -30.45 -8.25 -28.72
N TYR A 212 -30.61 -8.70 -29.97
CA TYR A 212 -30.92 -7.83 -31.09
C TYR A 212 -32.21 -8.29 -31.74
N MET A 213 -33.14 -7.34 -31.95
CA MET A 213 -34.41 -7.63 -32.59
C MET A 213 -34.73 -6.54 -33.61
N THR A 214 -35.31 -6.94 -34.74
CA THR A 214 -35.64 -5.99 -35.79
C THR A 214 -36.64 -6.62 -36.75
N TRP A 215 -37.28 -5.78 -37.54
CA TRP A 215 -38.29 -6.19 -38.51
C TRP A 215 -37.79 -5.95 -39.93
N MET A 216 -38.26 -6.77 -40.86
CA MET A 216 -37.81 -6.74 -42.25
C MET A 216 -39.00 -6.66 -43.19
N LYS A 217 -38.95 -5.70 -44.11
CA LYS A 217 -39.98 -5.55 -45.14
C LYS A 217 -39.54 -6.31 -46.39
N ASN A 218 -39.88 -7.60 -46.46
CA ASN A 218 -39.60 -8.43 -47.62
C ASN A 218 -38.11 -8.63 -47.85
N GLY A 219 -37.29 -8.33 -46.84
CA GLY A 219 -35.85 -8.41 -46.97
C GLY A 219 -35.10 -7.09 -46.88
N GLU A 220 -35.71 -6.04 -46.33
CA GLU A 220 -35.05 -4.76 -46.14
C GLU A 220 -35.50 -4.16 -44.82
N GLU A 221 -34.55 -3.94 -43.92
CA GLU A 221 -34.87 -3.44 -42.58
C GLU A 221 -35.40 -2.01 -42.66
N ILE A 222 -36.25 -1.67 -41.71
CA ILE A 222 -36.79 -0.31 -41.57
C ILE A 222 -36.60 0.09 -40.11
N VAL A 223 -35.46 0.73 -39.81
CA VAL A 223 -35.16 1.14 -38.44
C VAL A 223 -36.07 2.29 -38.01
N GLN A 224 -36.35 3.22 -38.93
CA GLN A 224 -37.12 4.41 -38.57
C GLN A 224 -38.53 4.05 -38.10
N GLU A 225 -39.17 3.09 -38.76
CA GLU A 225 -40.57 2.76 -38.49
C GLU A 225 -40.71 1.52 -37.61
N ILE A 226 -39.78 1.30 -36.68
CA ILE A 226 -39.85 0.19 -35.75
C ILE A 226 -39.77 0.74 -34.34
N ASP A 227 -40.71 0.34 -33.48
CA ASP A 227 -40.78 0.81 -32.10
C ASP A 227 -40.20 -0.28 -31.21
N TYR A 228 -38.95 -0.12 -30.81
CA TYR A 228 -38.28 -1.11 -29.97
C TYR A 228 -38.64 -0.91 -28.50
N GLY A 229 -38.67 -2.03 -27.76
CA GLY A 229 -38.89 -2.01 -26.33
C GLY A 229 -37.59 -2.30 -25.60
N ASP A 230 -37.47 -1.80 -24.37
CA ASP A 230 -36.27 -2.01 -23.59
C ASP A 230 -36.14 -3.48 -23.18
N ILE A 231 -34.91 -3.88 -22.89
CA ILE A 231 -34.65 -5.21 -22.34
C ILE A 231 -34.89 -5.12 -20.83
N LEU A 232 -35.98 -5.71 -20.36
CA LEU A 232 -36.30 -5.64 -18.95
C LEU A 232 -35.97 -6.98 -18.26
N PRO A 233 -35.69 -6.93 -16.95
CA PRO A 233 -35.41 -8.15 -16.19
C PRO A 233 -36.69 -8.79 -15.71
N SER A 234 -36.90 -10.06 -16.05
CA SER A 234 -38.08 -10.77 -15.60
C SER A 234 -38.06 -11.09 -14.12
N GLY A 235 -36.90 -10.97 -13.47
CA GLY A 235 -36.79 -11.21 -12.05
C GLY A 235 -36.49 -12.65 -11.66
N ASP A 236 -36.45 -13.57 -12.61
CA ASP A 236 -36.09 -14.96 -12.36
C ASP A 236 -34.68 -15.28 -12.81
N GLY A 237 -33.90 -14.26 -13.18
CA GLY A 237 -32.57 -14.47 -13.72
C GLY A 237 -32.47 -14.33 -15.22
N THR A 238 -33.60 -14.28 -15.92
CA THR A 238 -33.64 -14.08 -17.36
C THR A 238 -34.21 -12.69 -17.67
N TYR A 239 -34.30 -12.40 -18.97
CA TYR A 239 -34.71 -11.10 -19.45
C TYR A 239 -35.76 -11.25 -20.55
N GLN A 240 -36.38 -10.13 -20.89
CA GLN A 240 -37.43 -10.11 -21.90
C GLN A 240 -37.38 -8.78 -22.65
N ALA A 241 -37.85 -8.80 -23.90
CA ALA A 241 -37.88 -7.60 -24.74
C ALA A 241 -38.82 -7.85 -25.91
N TRP A 242 -39.18 -6.77 -26.60
CA TRP A 242 -40.11 -6.83 -27.71
C TRP A 242 -39.87 -5.67 -28.66
N ALA A 243 -40.33 -5.84 -29.91
CA ALA A 243 -40.28 -4.79 -30.91
C ALA A 243 -41.55 -4.83 -31.74
N SER A 244 -42.15 -3.66 -31.96
CA SER A 244 -43.41 -3.55 -32.68
C SER A 244 -43.21 -2.83 -34.01
N ILE A 245 -44.16 -3.05 -34.92
CA ILE A 245 -44.15 -2.42 -36.22
C ILE A 245 -45.60 -2.20 -36.64
N GLU A 246 -45.82 -1.17 -37.45
CA GLU A 246 -47.16 -0.81 -37.88
C GLU A 246 -47.50 -1.56 -39.18
N LEU A 247 -48.65 -2.22 -39.18
CA LEU A 247 -49.12 -2.96 -40.33
C LEU A 247 -49.80 -2.01 -41.30
N ASP A 248 -49.21 -1.84 -42.48
CA ASP A 248 -49.82 -0.99 -43.50
C ASP A 248 -51.11 -1.62 -43.98
N PRO A 249 -52.29 -1.08 -43.63
CA PRO A 249 -53.55 -1.73 -44.01
C PRO A 249 -53.89 -1.60 -45.49
N GLN A 250 -53.63 -0.43 -46.07
CA GLN A 250 -53.93 -0.21 -47.48
C GLN A 250 -53.05 -1.06 -48.39
N SER A 251 -51.94 -1.59 -47.88
CA SER A 251 -51.04 -2.45 -48.61
C SER A 251 -50.96 -3.82 -47.92
N SER A 252 -50.11 -4.70 -48.46
CA SER A 252 -49.91 -6.01 -47.87
C SER A 252 -48.53 -6.52 -48.29
N ASN A 253 -47.58 -6.50 -47.37
CA ASN A 253 -46.25 -7.05 -47.58
C ASN A 253 -46.09 -8.33 -46.77
N LEU A 254 -44.88 -8.88 -46.80
CA LEU A 254 -44.53 -10.06 -46.01
C LEU A 254 -43.50 -9.61 -44.98
N TYR A 255 -43.96 -9.41 -43.75
CA TYR A 255 -43.08 -9.00 -42.66
C TYR A 255 -42.52 -10.22 -41.95
N SER A 256 -41.36 -10.04 -41.33
CA SER A 256 -40.66 -11.12 -40.66
C SER A 256 -39.87 -10.56 -39.49
N CYS A 257 -39.85 -11.30 -38.38
CA CYS A 257 -39.11 -10.93 -37.19
C CYS A 257 -37.76 -11.62 -37.18
N HIS A 258 -36.70 -10.86 -36.93
CA HIS A 258 -35.34 -11.37 -36.86
C HIS A 258 -34.80 -11.13 -35.46
N VAL A 259 -34.16 -12.15 -34.88
CA VAL A 259 -33.62 -12.10 -33.53
C VAL A 259 -32.22 -12.70 -33.52
N GLU A 260 -31.28 -11.97 -32.93
CA GLU A 260 -29.91 -12.44 -32.72
C GLU A 260 -29.66 -12.51 -31.22
N HIS A 261 -29.21 -13.67 -30.73
CA HIS A 261 -28.92 -13.82 -29.31
C HIS A 261 -27.87 -14.89 -29.11
N SER A 262 -26.78 -14.51 -28.44
CA SER A 262 -25.70 -15.42 -28.08
C SER A 262 -25.30 -16.31 -29.26
N GLY A 263 -25.04 -15.66 -30.40
CA GLY A 263 -24.53 -16.37 -31.55
C GLY A 263 -25.51 -17.25 -32.29
N VAL A 264 -26.81 -16.99 -32.15
CA VAL A 264 -27.82 -17.72 -32.90
C VAL A 264 -28.74 -16.72 -33.59
N HIS A 265 -28.94 -16.90 -34.89
CA HIS A 265 -29.80 -16.05 -35.69
C HIS A 265 -31.09 -16.81 -35.98
N MET A 266 -32.22 -16.16 -35.75
CA MET A 266 -33.52 -16.81 -35.77
C MET A 266 -34.52 -15.89 -36.46
N VAL A 267 -35.37 -16.47 -37.31
CA VAL A 267 -36.28 -15.70 -38.15
C VAL A 267 -37.68 -16.31 -38.06
N LEU A 268 -38.69 -15.46 -37.86
CA LEU A 268 -40.09 -15.84 -37.94
C LEU A 268 -40.75 -15.01 -39.04
N GLN A 269 -41.68 -15.62 -39.76
CA GLN A 269 -42.35 -14.95 -40.88
C GLN A 269 -43.84 -14.84 -40.61
N VAL A 270 -44.40 -13.68 -40.92
CA VAL A 270 -45.85 -13.48 -40.81
C VAL A 270 -46.52 -14.03 -42.07
N PRO A 271 -47.52 -14.92 -41.93
CA PRO A 271 -48.26 -15.59 -43.01
C PRO A 271 -48.42 -14.73 -44.27
N MET B 1 -26.07 19.44 -12.55
CA MET B 1 -27.02 19.13 -11.48
C MET B 1 -28.42 18.84 -12.04
N ILE B 2 -28.49 18.51 -13.33
CA ILE B 2 -29.76 18.18 -13.95
C ILE B 2 -30.23 16.82 -13.44
N GLN B 3 -31.45 16.77 -12.92
CA GLN B 3 -32.01 15.51 -12.46
C GLN B 3 -32.64 14.75 -13.63
N ARG B 4 -32.79 13.45 -13.44
CA ARG B 4 -33.44 12.60 -14.41
C ARG B 4 -34.62 11.90 -13.73
N THR B 5 -35.79 12.03 -14.33
CA THR B 5 -36.99 11.40 -13.78
C THR B 5 -37.03 9.90 -14.09
N PRO B 6 -37.60 9.10 -13.19
CA PRO B 6 -37.58 7.64 -13.37
C PRO B 6 -38.49 7.19 -14.50
N LYS B 7 -38.11 6.07 -15.10
CA LYS B 7 -38.90 5.41 -16.13
C LYS B 7 -39.55 4.18 -15.52
N ILE B 8 -40.88 4.14 -15.52
CA ILE B 8 -41.64 3.11 -14.83
C ILE B 8 -42.31 2.21 -15.85
N GLN B 9 -41.94 0.93 -15.84
CA GLN B 9 -42.57 -0.08 -16.67
C GLN B 9 -43.23 -1.13 -15.78
N VAL B 10 -44.45 -1.50 -16.14
CA VAL B 10 -45.23 -2.50 -15.42
C VAL B 10 -45.48 -3.67 -16.35
N TYR B 11 -45.16 -4.87 -15.88
CA TYR B 11 -45.26 -6.07 -16.71
C TYR B 11 -45.17 -7.28 -15.78
N SER B 12 -45.19 -8.47 -16.39
CA SER B 12 -45.18 -9.72 -15.63
C SER B 12 -44.01 -10.59 -16.06
N ARG B 13 -43.56 -11.42 -15.12
CA ARG B 13 -42.44 -12.33 -15.39
C ARG B 13 -42.68 -13.16 -16.63
N HIS B 14 -43.83 -13.83 -16.69
CA HIS B 14 -44.23 -14.66 -17.81
C HIS B 14 -45.54 -14.14 -18.37
N PRO B 15 -45.88 -14.50 -19.60
CA PRO B 15 -47.11 -13.98 -20.20
C PRO B 15 -48.33 -14.25 -19.32
N ALA B 16 -49.20 -13.26 -19.22
CA ALA B 16 -50.30 -13.32 -18.26
C ALA B 16 -51.37 -14.30 -18.72
N GLU B 17 -51.74 -15.22 -17.83
CA GLU B 17 -52.88 -16.11 -18.05
C GLU B 17 -53.63 -16.24 -16.73
N ASN B 18 -54.91 -15.89 -16.75
CA ASN B 18 -55.70 -15.85 -15.51
C ASN B 18 -55.77 -17.22 -14.87
N GLY B 19 -55.74 -17.23 -13.54
CA GLY B 19 -55.83 -18.46 -12.77
C GLY B 19 -54.50 -19.11 -12.43
N LYS B 20 -53.41 -18.66 -13.05
CA LYS B 20 -52.09 -19.24 -12.81
C LYS B 20 -51.21 -18.21 -12.11
N SER B 21 -50.60 -18.62 -10.99
CA SER B 21 -49.79 -17.72 -10.19
C SER B 21 -48.61 -17.21 -11.02
N ASN B 22 -48.49 -15.88 -11.12
CA ASN B 22 -47.39 -15.26 -11.84
C ASN B 22 -46.68 -14.25 -10.95
N PHE B 23 -45.80 -13.45 -11.55
CA PHE B 23 -45.08 -12.39 -10.86
C PHE B 23 -45.28 -11.09 -11.62
N LEU B 24 -45.55 -10.02 -10.88
CA LEU B 24 -45.72 -8.70 -11.46
C LEU B 24 -44.50 -7.85 -11.14
N ASN B 25 -43.94 -7.21 -12.17
CA ASN B 25 -42.69 -6.49 -12.06
C ASN B 25 -42.92 -5.01 -12.36
N CYS B 26 -42.37 -4.16 -11.50
CA CYS B 26 -42.29 -2.72 -11.74
C CYS B 26 -40.80 -2.38 -11.84
N TYR B 27 -40.38 -1.93 -13.01
CA TYR B 27 -38.97 -1.65 -13.29
C TYR B 27 -38.81 -0.14 -13.37
N VAL B 28 -38.26 0.46 -12.31
CA VAL B 28 -37.99 1.88 -12.26
C VAL B 28 -36.52 2.08 -12.60
N SER B 29 -36.25 2.83 -13.67
CA SER B 29 -34.92 2.92 -14.23
C SER B 29 -34.60 4.36 -14.64
N GLY B 30 -33.31 4.65 -14.69
CA GLY B 30 -32.81 5.91 -15.25
C GLY B 30 -33.18 7.17 -14.49
N PHE B 31 -33.16 7.11 -13.17
CA PHE B 31 -33.53 8.25 -12.34
C PHE B 31 -32.34 8.74 -11.53
N HIS B 32 -32.41 10.00 -11.13
CA HIS B 32 -31.35 10.65 -10.35
C HIS B 32 -31.90 11.79 -9.51
N PRO B 33 -31.55 11.89 -8.21
CA PRO B 33 -30.66 11.00 -7.43
C PRO B 33 -31.28 9.65 -7.02
N SER B 34 -30.69 9.00 -6.00
CA SER B 34 -31.02 7.63 -5.65
C SER B 34 -32.20 7.49 -4.70
N ASP B 35 -32.73 8.59 -4.17
CA ASP B 35 -33.84 8.53 -3.23
C ASP B 35 -35.11 8.26 -4.02
N ILE B 36 -35.67 7.05 -3.89
CA ILE B 36 -36.91 6.70 -4.58
C ILE B 36 -37.82 5.92 -3.65
N GLU B 37 -39.10 5.90 -4.00
CA GLU B 37 -40.15 5.28 -3.20
C GLU B 37 -41.15 4.65 -4.16
N VAL B 38 -41.34 3.34 -4.05
CA VAL B 38 -42.17 2.59 -4.99
C VAL B 38 -43.10 1.68 -4.20
N ASP B 39 -44.35 1.58 -4.67
CA ASP B 39 -45.33 0.67 -4.11
C ASP B 39 -46.13 0.04 -5.24
N LEU B 40 -46.68 -1.15 -4.97
CA LEU B 40 -47.47 -1.89 -5.93
C LEU B 40 -48.94 -1.87 -5.50
N LEU B 41 -49.82 -1.56 -6.44
CA LEU B 41 -51.23 -1.31 -6.14
C LEU B 41 -52.08 -2.44 -6.71
N LYS B 42 -52.88 -3.05 -5.85
CA LYS B 42 -53.90 -4.02 -6.25
C LYS B 42 -55.24 -3.27 -6.27
N ASN B 43 -55.67 -2.88 -7.46
CA ASN B 43 -56.90 -2.09 -7.62
C ASN B 43 -56.86 -0.83 -6.76
N GLY B 44 -55.69 -0.19 -6.72
CA GLY B 44 -55.51 1.02 -5.94
C GLY B 44 -55.08 0.83 -4.51
N GLU B 45 -54.97 -0.41 -4.04
CA GLU B 45 -54.58 -0.69 -2.67
C GLU B 45 -53.13 -1.16 -2.62
N ARG B 46 -52.40 -0.68 -1.61
CA ARG B 46 -51.00 -1.06 -1.47
C ARG B 46 -50.89 -2.56 -1.16
N ILE B 47 -49.79 -3.16 -1.60
CA ILE B 47 -49.50 -4.57 -1.38
C ILE B 47 -48.37 -4.66 -0.36
N GLU B 48 -48.64 -5.33 0.76
CA GLU B 48 -47.71 -5.31 1.89
C GLU B 48 -46.42 -6.05 1.57
N LYS B 49 -46.53 -7.35 1.29
CA LYS B 49 -45.36 -8.18 1.04
C LYS B 49 -44.91 -7.95 -0.40
N VAL B 50 -44.09 -6.93 -0.58
CA VAL B 50 -43.53 -6.59 -1.88
C VAL B 50 -42.01 -6.56 -1.74
N GLU B 51 -41.33 -7.33 -2.57
CA GLU B 51 -39.88 -7.39 -2.55
C GLU B 51 -39.29 -6.52 -3.64
N HIS B 52 -38.01 -6.20 -3.48
CA HIS B 52 -37.31 -5.38 -4.47
C HIS B 52 -35.84 -5.72 -4.44
N SER B 53 -35.20 -5.59 -5.60
CA SER B 53 -33.77 -5.70 -5.69
C SER B 53 -33.09 -4.54 -4.96
N ASP B 54 -31.83 -4.72 -4.63
CA ASP B 54 -31.06 -3.60 -4.12
C ASP B 54 -30.85 -2.57 -5.22
N LEU B 55 -30.56 -1.35 -4.81
CA LEU B 55 -30.27 -0.31 -5.79
C LEU B 55 -29.11 -0.75 -6.67
N SER B 56 -29.19 -0.40 -7.95
CA SER B 56 -28.15 -0.80 -8.88
C SER B 56 -27.81 0.39 -9.78
N PHE B 57 -26.59 0.37 -10.31
CA PHE B 57 -26.00 1.51 -11.01
C PHE B 57 -25.88 1.26 -12.49
N SER B 58 -26.01 2.32 -13.27
CA SER B 58 -25.93 2.29 -14.73
C SER B 58 -24.69 3.01 -15.22
N LYS B 59 -24.24 2.62 -16.41
CA LYS B 59 -23.04 3.22 -16.99
C LYS B 59 -23.16 4.73 -17.07
N ASP B 60 -24.38 5.26 -17.27
CA ASP B 60 -24.61 6.68 -17.46
C ASP B 60 -24.89 7.39 -16.15
N TRP B 61 -24.46 6.84 -15.03
CA TRP B 61 -24.52 7.44 -13.69
C TRP B 61 -25.93 7.43 -13.09
N SER B 62 -26.94 6.92 -13.80
CA SER B 62 -28.27 6.79 -13.23
C SER B 62 -28.37 5.51 -12.39
N PHE B 63 -29.57 5.25 -11.86
CA PHE B 63 -29.83 4.06 -11.06
C PHE B 63 -31.11 3.37 -11.54
N TYR B 64 -31.25 2.11 -11.16
CA TYR B 64 -32.45 1.35 -11.52
C TYR B 64 -32.77 0.35 -10.42
N LEU B 65 -34.06 0.02 -10.32
CA LEU B 65 -34.58 -0.86 -9.28
C LEU B 65 -35.66 -1.75 -9.88
N LEU B 66 -35.89 -2.88 -9.22
CA LEU B 66 -36.96 -3.79 -9.63
C LEU B 66 -37.79 -4.17 -8.41
N TYR B 67 -39.00 -3.64 -8.34
CA TYR B 67 -39.97 -4.06 -7.36
C TYR B 67 -40.84 -5.14 -7.99
N TYR B 68 -41.05 -6.23 -7.25
CA TYR B 68 -41.78 -7.38 -7.78
C TYR B 68 -42.51 -8.06 -6.63
N THR B 69 -43.65 -8.66 -6.96
CA THR B 69 -44.43 -9.38 -5.96
C THR B 69 -45.20 -10.50 -6.65
N GLU B 70 -45.38 -11.59 -5.91
CA GLU B 70 -46.15 -12.72 -6.43
C GLU B 70 -47.62 -12.35 -6.52
N PHE B 71 -48.31 -12.95 -7.48
CA PHE B 71 -49.73 -12.67 -7.66
C PHE B 71 -50.31 -13.65 -8.68
N THR B 72 -51.64 -13.68 -8.73
CA THR B 72 -52.37 -14.46 -9.73
C THR B 72 -53.31 -13.51 -10.46
N PRO B 73 -53.18 -13.34 -11.78
CA PRO B 73 -53.99 -12.35 -12.48
C PRO B 73 -55.44 -12.81 -12.63
N THR B 74 -56.34 -11.84 -12.56
CA THR B 74 -57.75 -12.08 -12.83
C THR B 74 -58.27 -10.96 -13.71
N GLU B 75 -59.26 -11.30 -14.55
CA GLU B 75 -59.87 -10.28 -15.41
C GLU B 75 -60.52 -9.19 -14.58
N LYS B 76 -60.94 -9.50 -13.36
CA LYS B 76 -61.55 -8.51 -12.49
C LYS B 76 -60.55 -7.47 -12.02
N ASP B 77 -59.28 -7.87 -11.86
CA ASP B 77 -58.28 -7.03 -11.22
C ASP B 77 -57.49 -6.22 -12.24
N GLU B 78 -57.19 -4.97 -11.88
CA GLU B 78 -56.30 -4.10 -12.62
C GLU B 78 -55.12 -3.74 -11.72
N TYR B 79 -53.91 -3.79 -12.29
CA TYR B 79 -52.70 -3.65 -11.50
C TYR B 79 -51.87 -2.48 -12.02
N ALA B 80 -51.32 -1.70 -11.08
CA ALA B 80 -50.53 -0.53 -11.43
C ALA B 80 -49.46 -0.27 -10.38
N CYS B 81 -48.45 0.51 -10.77
CA CYS B 81 -47.30 0.83 -9.94
C CYS B 81 -47.31 2.30 -9.58
N ARG B 82 -47.05 2.62 -8.31
CA ARG B 82 -46.99 4.00 -7.83
C ARG B 82 -45.56 4.31 -7.40
N VAL B 83 -44.99 5.37 -7.98
CA VAL B 83 -43.61 5.79 -7.72
C VAL B 83 -43.59 7.28 -7.40
N ASN B 84 -42.93 7.63 -6.31
CA ASN B 84 -42.67 9.02 -5.97
C ASN B 84 -41.17 9.29 -6.02
N HIS B 85 -40.81 10.44 -6.58
CA HIS B 85 -39.42 10.82 -6.73
C HIS B 85 -39.26 12.31 -6.46
N VAL B 86 -38.01 12.72 -6.25
CA VAL B 86 -37.72 14.14 -6.06
C VAL B 86 -38.10 14.93 -7.30
N THR B 87 -38.04 14.31 -8.47
CA THR B 87 -38.44 14.97 -9.71
C THR B 87 -39.94 14.95 -9.92
N LEU B 88 -40.69 14.36 -8.98
CA LEU B 88 -42.14 14.26 -9.09
C LEU B 88 -42.79 14.97 -7.92
N SER B 89 -43.70 15.90 -8.23
CA SER B 89 -44.55 16.49 -7.19
C SER B 89 -45.71 15.57 -6.88
N GLN B 90 -46.49 15.20 -7.91
CA GLN B 90 -47.53 14.19 -7.76
C GLN B 90 -46.92 12.82 -7.98
N PRO B 91 -47.05 11.88 -7.04
CA PRO B 91 -46.60 10.51 -7.30
C PRO B 91 -47.25 9.98 -8.57
N LYS B 92 -46.47 9.26 -9.37
CA LYS B 92 -46.93 8.79 -10.66
C LYS B 92 -47.40 7.35 -10.57
N ILE B 93 -48.49 7.05 -11.27
CA ILE B 93 -49.08 5.72 -11.32
C ILE B 93 -48.99 5.21 -12.75
N VAL B 94 -48.55 3.98 -12.92
CA VAL B 94 -48.44 3.35 -14.23
C VAL B 94 -49.21 2.03 -14.19
N LYS B 95 -50.26 1.93 -15.02
CA LYS B 95 -51.07 0.73 -15.07
C LYS B 95 -50.40 -0.36 -15.91
N TRP B 96 -50.81 -1.60 -15.67
CA TRP B 96 -50.24 -2.76 -16.34
C TRP B 96 -51.13 -3.13 -17.52
N ASP B 97 -50.80 -2.61 -18.70
CA ASP B 97 -51.62 -2.78 -19.90
C ASP B 97 -51.17 -4.04 -20.62
N ARG B 98 -51.82 -5.16 -20.31
CA ARG B 98 -51.51 -6.42 -20.94
C ARG B 98 -52.43 -6.70 -22.12
N GLN C 2 4.14 -16.40 -1.44
CA GLN C 2 4.49 -15.02 -1.74
C GLN C 2 5.85 -14.63 -1.16
N ASN C 3 6.86 -14.48 -2.01
CA ASN C 3 8.21 -14.20 -1.55
C ASN C 3 8.85 -13.10 -2.39
N ILE C 4 9.80 -12.40 -1.77
CA ILE C 4 10.66 -11.43 -2.42
C ILE C 4 12.10 -11.88 -2.22
N ASP C 5 12.90 -11.78 -3.29
CA ASP C 5 14.28 -12.25 -3.26
C ASP C 5 15.21 -11.14 -3.73
N GLN C 6 16.15 -10.76 -2.87
CA GLN C 6 17.24 -9.86 -3.23
C GLN C 6 18.48 -10.28 -2.45
N PRO C 7 19.67 -10.01 -2.96
CA PRO C 7 20.90 -10.46 -2.28
C PRO C 7 20.98 -9.91 -0.87
N THR C 8 21.84 -10.54 -0.07
CA THR C 8 22.02 -10.12 1.32
C THR C 8 22.97 -8.94 1.40
N GLU C 9 24.20 -9.14 0.96
CA GLU C 9 25.24 -8.12 1.01
C GLU C 9 25.86 -7.96 -0.37
N MET C 10 26.13 -6.71 -0.74
CA MET C 10 26.90 -6.41 -1.93
C MET C 10 27.96 -5.37 -1.59
N THR C 11 29.17 -5.59 -2.08
CA THR C 11 30.27 -4.65 -1.88
C THR C 11 30.76 -4.16 -3.25
N ALA C 12 30.81 -2.84 -3.40
CA ALA C 12 31.23 -2.19 -4.64
C ALA C 12 32.17 -1.04 -4.31
N THR C 13 33.04 -0.73 -5.26
CA THR C 13 34.09 0.25 -5.01
C THR C 13 33.59 1.68 -5.21
N GLU C 14 34.20 2.62 -4.49
CA GLU C 14 33.82 4.02 -4.57
C GLU C 14 33.95 4.51 -6.02
N GLY C 15 32.92 5.22 -6.49
CA GLY C 15 32.94 5.77 -7.83
C GLY C 15 32.52 4.81 -8.93
N ALA C 16 32.28 3.55 -8.61
CA ALA C 16 31.88 2.55 -9.58
C ALA C 16 30.35 2.51 -9.69
N ILE C 17 29.84 1.47 -10.34
CA ILE C 17 28.41 1.27 -10.50
C ILE C 17 28.05 -0.07 -9.86
N VAL C 18 26.88 -0.12 -9.20
CA VAL C 18 26.37 -1.34 -8.59
C VAL C 18 24.91 -1.50 -8.98
N GLN C 19 24.50 -2.75 -9.25
CA GLN C 19 23.13 -3.06 -9.66
C GLN C 19 22.54 -4.09 -8.70
N ILE C 20 21.62 -3.63 -7.85
CA ILE C 20 20.98 -4.48 -6.85
C ILE C 20 19.74 -5.12 -7.48
N ASN C 21 19.72 -6.45 -7.55
CA ASN C 21 18.66 -7.20 -8.20
C ASN C 21 17.53 -7.50 -7.22
N CYS C 22 16.32 -7.70 -7.77
CA CYS C 22 15.16 -8.07 -6.95
C CYS C 22 14.17 -8.85 -7.79
N THR C 23 13.75 -10.01 -7.28
CA THR C 23 12.78 -10.85 -7.96
C THR C 23 11.61 -11.11 -7.02
N TYR C 24 10.40 -11.06 -7.56
CA TYR C 24 9.19 -11.14 -6.75
C TYR C 24 8.20 -12.10 -7.36
N GLN C 25 7.46 -12.79 -6.50
CA GLN C 25 6.36 -13.68 -6.90
C GLN C 25 5.20 -13.36 -5.97
N THR C 26 4.20 -12.67 -6.48
CA THR C 26 3.08 -12.24 -5.66
C THR C 26 1.77 -12.47 -6.39
N SER C 27 0.71 -12.64 -5.61
CA SER C 27 -0.65 -12.74 -6.13
C SER C 27 -1.09 -11.34 -6.56
N GLY C 28 -0.92 -11.03 -7.83
CA GLY C 28 -1.15 -9.69 -8.31
C GLY C 28 0.06 -8.80 -8.14
N PHE C 29 0.02 -7.65 -8.81
CA PHE C 29 1.11 -6.70 -8.73
C PHE C 29 0.54 -5.31 -8.89
N ASN C 30 0.95 -4.39 -8.02
CA ASN C 30 0.45 -3.02 -8.05
C ASN C 30 1.57 -2.02 -7.82
N GLY C 31 2.78 -2.38 -8.24
CA GLY C 31 3.92 -1.48 -8.12
C GLY C 31 5.06 -2.12 -7.36
N LEU C 32 6.29 -1.68 -7.65
CA LEU C 32 7.47 -2.15 -6.95
C LEU C 32 8.26 -0.95 -6.44
N PHE C 33 8.52 -0.92 -5.14
CA PHE C 33 9.19 0.18 -4.48
C PHE C 33 10.61 -0.19 -4.11
N TRP C 34 11.47 0.83 -4.05
CA TRP C 34 12.79 0.72 -3.47
C TRP C 34 12.93 1.76 -2.37
N TYR C 35 13.42 1.34 -1.21
CA TYR C 35 13.62 2.23 -0.07
C TYR C 35 15.08 2.17 0.34
N GLN C 36 15.61 3.32 0.75
CA GLN C 36 16.95 3.39 1.31
C GLN C 36 16.84 3.50 2.82
N GLN C 37 17.73 2.80 3.52
CA GLN C 37 17.69 2.78 4.98
C GLN C 37 19.12 2.67 5.49
N HIS C 38 19.64 3.77 6.04
CA HIS C 38 20.99 3.75 6.57
C HIS C 38 21.04 2.99 7.89
N ALA C 39 22.24 2.82 8.41
CA ALA C 39 22.40 2.13 9.68
C ALA C 39 21.66 2.88 10.77
N GLY C 40 20.74 2.19 11.44
CA GLY C 40 20.00 2.78 12.54
C GLY C 40 19.25 4.03 12.13
N GLU C 41 18.66 4.03 10.95
CA GLU C 41 17.99 5.19 10.40
C GLU C 41 16.62 4.78 9.87
N ALA C 42 15.80 5.78 9.61
CA ALA C 42 14.48 5.51 9.03
C ALA C 42 14.61 5.22 7.54
N PRO C 43 13.90 4.19 7.04
CA PRO C 43 13.83 3.98 5.60
C PRO C 43 13.17 5.17 4.90
N THR C 44 13.63 5.44 3.69
CA THR C 44 13.10 6.53 2.89
C THR C 44 12.81 6.05 1.47
N PHE C 45 11.74 6.57 0.88
CA PHE C 45 11.35 6.18 -0.46
C PHE C 45 12.42 6.59 -1.48
N LEU C 46 12.71 5.68 -2.41
CA LEU C 46 13.60 5.96 -3.54
C LEU C 46 12.87 5.95 -4.88
N SER C 47 12.21 4.84 -5.21
CA SER C 47 11.69 4.67 -6.56
C SER C 47 10.44 3.83 -6.53
N TYR C 48 9.55 4.11 -7.48
CA TYR C 48 8.34 3.33 -7.68
C TYR C 48 8.22 2.99 -9.16
N ASN C 49 8.00 1.71 -9.46
CA ASN C 49 7.77 1.26 -10.82
C ASN C 49 6.55 0.37 -10.83
N VAL C 50 5.63 0.64 -11.77
CA VAL C 50 4.47 -0.21 -11.96
C VAL C 50 4.29 -0.64 -13.40
N LEU C 51 4.85 0.07 -14.37
CA LEU C 51 4.88 -0.37 -15.76
C LEU C 51 6.31 -0.72 -16.14
N ASP C 52 6.44 -1.67 -17.07
CA ASP C 52 7.74 -2.10 -17.52
C ASP C 52 8.55 -0.90 -18.01
N GLY C 53 9.87 -1.04 -17.96
CA GLY C 53 10.77 -0.03 -18.46
C GLY C 53 11.69 0.50 -17.38
N LEU C 54 12.66 1.29 -17.83
CA LEU C 54 13.66 1.91 -16.98
C LEU C 54 13.23 3.33 -16.65
N GLU C 55 13.32 3.68 -15.37
CA GLU C 55 13.11 5.05 -14.92
C GLU C 55 14.42 5.56 -14.34
N GLU C 56 14.85 6.75 -14.78
CA GLU C 56 16.11 7.33 -14.37
C GLU C 56 15.87 8.66 -13.65
N LYS C 57 16.60 8.87 -12.55
CA LYS C 57 16.50 10.13 -11.81
C LYS C 57 17.82 10.33 -11.07
N GLY C 58 18.70 11.13 -11.67
CA GLY C 58 20.00 11.36 -11.04
C GLY C 58 20.89 10.14 -11.16
N ARG C 59 21.68 9.90 -10.11
CA ARG C 59 22.53 8.72 -10.10
C ARG C 59 21.72 7.43 -10.04
N PHE C 60 20.57 7.45 -9.35
CA PHE C 60 19.76 6.26 -9.18
C PHE C 60 18.87 6.02 -10.40
N SER C 61 18.66 4.74 -10.70
CA SER C 61 17.78 4.32 -11.78
C SER C 61 17.14 3.00 -11.38
N SER C 62 15.89 2.81 -11.77
CA SER C 62 15.12 1.65 -11.37
C SER C 62 14.40 1.06 -12.59
N PHE C 63 14.50 -0.26 -12.75
CA PHE C 63 13.95 -0.96 -13.91
C PHE C 63 12.98 -2.05 -13.46
N LEU C 64 11.87 -2.16 -14.18
CA LEU C 64 10.84 -3.14 -13.88
C LEU C 64 10.55 -3.96 -15.14
N SER C 65 10.38 -5.27 -14.95
CA SER C 65 9.88 -6.16 -16.00
C SER C 65 8.78 -7.02 -15.36
N ARG C 66 7.54 -6.54 -15.44
CA ARG C 66 6.43 -7.24 -14.80
C ARG C 66 6.35 -8.68 -15.27
N SER C 67 6.54 -8.90 -16.57
CA SER C 67 6.47 -10.25 -17.12
C SER C 67 7.52 -11.15 -16.49
N LYS C 68 8.75 -10.66 -16.38
CA LYS C 68 9.83 -11.46 -15.81
C LYS C 68 9.82 -11.49 -14.27
N GLY C 69 8.93 -10.74 -13.64
CA GLY C 69 8.89 -10.70 -12.19
C GLY C 69 10.22 -10.27 -11.59
N TYR C 70 10.82 -9.23 -12.15
CA TYR C 70 12.21 -8.88 -11.86
C TYR C 70 12.36 -7.36 -11.92
N SER C 71 13.27 -6.85 -11.11
CA SER C 71 13.56 -5.42 -11.05
C SER C 71 14.98 -5.24 -10.55
N TYR C 72 15.51 -4.03 -10.73
CA TYR C 72 16.81 -3.74 -10.16
C TYR C 72 16.95 -2.25 -9.89
N LEU C 73 17.60 -1.93 -8.78
CA LEU C 73 18.07 -0.59 -8.49
C LEU C 73 19.49 -0.46 -9.00
N LEU C 74 19.77 0.63 -9.72
CA LEU C 74 21.09 0.87 -10.28
C LEU C 74 21.63 2.18 -9.72
N LEU C 75 22.78 2.12 -9.07
CA LEU C 75 23.39 3.29 -8.45
C LEU C 75 24.66 3.64 -9.21
N LYS C 76 24.71 4.86 -9.75
CA LYS C 76 25.81 5.33 -10.57
C LYS C 76 26.71 6.24 -9.76
N GLU C 77 28.00 6.27 -10.14
CA GLU C 77 28.98 7.14 -9.50
C GLU C 77 28.87 7.02 -7.97
N LEU C 78 29.11 5.80 -7.50
CA LEU C 78 28.90 5.48 -6.09
C LEU C 78 29.68 6.44 -5.19
N GLN C 79 29.05 6.87 -4.12
CA GLN C 79 29.67 7.70 -3.11
C GLN C 79 29.72 6.93 -1.80
N MET C 80 30.66 7.34 -0.94
CA MET C 80 30.73 6.72 0.38
C MET C 80 29.42 6.83 1.13
N LYS C 81 28.69 7.95 0.93
CA LYS C 81 27.42 8.18 1.61
C LYS C 81 26.34 7.21 1.17
N ASP C 82 26.58 6.42 0.14
CA ASP C 82 25.60 5.49 -0.35
C ASP C 82 25.58 4.17 0.41
N SER C 83 26.50 3.96 1.34
CA SER C 83 26.53 2.71 2.09
C SER C 83 25.28 2.63 2.96
N ALA C 84 24.42 1.67 2.65
CA ALA C 84 23.17 1.51 3.38
C ALA C 84 22.52 0.21 2.91
N SER C 85 21.33 -0.06 3.46
CA SER C 85 20.53 -1.19 3.04
C SER C 85 19.39 -0.70 2.16
N TYR C 86 19.16 -1.42 1.06
CA TYR C 86 18.14 -1.04 0.09
C TYR C 86 17.03 -2.09 0.13
N LEU C 87 15.82 -1.63 0.37
CA LEU C 87 14.68 -2.50 0.63
C LEU C 87 13.81 -2.58 -0.62
N CYS C 88 13.56 -3.79 -1.09
CA CYS C 88 12.70 -4.03 -2.25
C CYS C 88 11.33 -4.47 -1.74
N ALA C 89 10.29 -3.73 -2.12
CA ALA C 89 8.94 -3.99 -1.65
C ALA C 89 7.96 -3.94 -2.81
N VAL C 90 6.99 -4.86 -2.79
CA VAL C 90 6.05 -5.05 -3.89
C VAL C 90 4.63 -5.03 -3.31
N LYS C 91 3.74 -4.30 -3.97
CA LYS C 91 2.32 -4.28 -3.61
C LYS C 91 1.58 -5.37 -4.38
N ASP C 92 0.71 -6.10 -3.69
CA ASP C 92 0.02 -7.23 -4.29
C ASP C 92 -1.39 -6.82 -4.74
N SER C 93 -2.17 -7.80 -5.20
CA SER C 93 -3.49 -7.50 -5.76
C SER C 93 -4.41 -6.88 -4.72
N ASN C 94 -4.20 -7.19 -3.44
CA ASN C 94 -4.95 -6.59 -2.34
C ASN C 94 -4.26 -5.36 -1.74
N TYR C 95 -3.34 -4.75 -2.47
CA TYR C 95 -2.64 -3.55 -2.02
C TYR C 95 -1.81 -3.78 -0.76
N GLN C 96 -1.65 -5.03 -0.36
CA GLN C 96 -0.82 -5.37 0.79
C GLN C 96 0.65 -5.31 0.39
N LEU C 97 1.44 -4.58 1.17
CA LEU C 97 2.83 -4.28 0.81
C LEU C 97 3.76 -5.34 1.37
N ILE C 98 4.44 -6.06 0.48
CA ILE C 98 5.30 -7.20 0.83
C ILE C 98 6.76 -6.76 0.78
N TRP C 99 7.46 -6.86 1.91
CA TRP C 99 8.83 -6.37 2.03
C TRP C 99 9.81 -7.52 1.83
N GLY C 100 10.85 -7.28 1.03
CA GLY C 100 11.95 -8.19 0.93
C GLY C 100 12.87 -8.08 2.14
N ALA C 101 13.83 -9.01 2.21
CA ALA C 101 14.77 -9.02 3.32
C ALA C 101 15.73 -7.82 3.28
N GLY C 102 15.90 -7.19 2.12
CA GLY C 102 16.80 -6.07 1.96
C GLY C 102 18.19 -6.49 1.51
N THR C 103 18.92 -5.51 0.98
CA THR C 103 20.30 -5.72 0.55
C THR C 103 21.20 -4.67 1.20
N LYS C 104 22.25 -5.12 1.87
CA LYS C 104 23.20 -4.25 2.53
C LYS C 104 24.33 -3.92 1.57
N LEU C 105 24.49 -2.63 1.25
CA LEU C 105 25.47 -2.18 0.28
C LEU C 105 26.67 -1.57 0.99
N ILE C 106 27.87 -2.03 0.62
CA ILE C 106 29.11 -1.61 1.24
C ILE C 106 29.99 -0.99 0.17
N ILE C 107 30.40 0.25 0.39
CA ILE C 107 31.21 1.00 -0.59
C ILE C 107 32.66 1.02 -0.12
N LYS C 108 33.53 0.34 -0.85
CA LYS C 108 34.95 0.35 -0.54
C LYS C 108 35.58 1.67 -0.99
N PRO C 109 36.23 2.42 -0.11
CA PRO C 109 36.88 3.66 -0.54
C PRO C 109 38.03 3.38 -1.49
N ASP C 110 38.29 4.35 -2.37
CA ASP C 110 39.41 4.26 -3.31
C ASP C 110 40.65 4.81 -2.64
N ILE C 111 41.36 3.94 -1.92
CA ILE C 111 42.57 4.33 -1.23
C ILE C 111 43.59 4.80 -2.27
N GLN C 112 43.89 6.09 -2.26
CA GLN C 112 44.70 6.67 -3.33
C GLN C 112 46.17 6.35 -3.14
N ASN C 113 46.70 6.58 -1.93
CA ASN C 113 48.11 6.37 -1.64
C ASN C 113 48.23 5.51 -0.39
N PRO C 114 48.12 4.20 -0.53
CA PRO C 114 48.17 3.32 0.65
C PRO C 114 49.43 3.58 1.47
N ASP C 115 49.25 3.61 2.78
CA ASP C 115 50.35 3.72 3.74
C ASP C 115 50.11 2.75 4.88
N PRO C 116 50.13 1.44 4.59
CA PRO C 116 49.84 0.46 5.65
C PRO C 116 50.76 0.63 6.84
N ALA C 117 50.19 0.53 8.03
CA ALA C 117 50.95 0.71 9.25
C ALA C 117 50.09 0.34 10.45
N VAL C 118 50.76 -0.04 11.54
CA VAL C 118 50.13 -0.33 12.82
C VAL C 118 50.79 0.55 13.87
N TYR C 119 49.98 1.23 14.68
CA TYR C 119 50.48 2.09 15.73
C TYR C 119 49.88 1.68 17.06
N GLN C 120 50.59 1.99 18.14
CA GLN C 120 50.12 1.73 19.49
C GLN C 120 49.74 3.05 20.16
N LEU C 121 48.58 3.05 20.82
CA LEU C 121 48.10 4.19 21.58
C LEU C 121 48.00 3.79 23.05
N ARG C 122 48.48 4.66 23.93
CA ARG C 122 48.52 4.33 25.35
C ARG C 122 47.36 4.99 26.09
N ASP C 123 46.87 4.28 27.12
CA ASP C 123 45.69 4.72 27.85
C ASP C 123 45.90 6.12 28.41
N SER C 124 44.90 6.99 28.23
CA SER C 124 44.97 8.34 28.78
C SER C 124 45.03 8.30 30.31
N LYS C 125 44.29 7.39 30.92
CA LYS C 125 44.38 7.10 32.35
C LYS C 125 44.89 5.67 32.47
N SER C 126 46.21 5.50 32.43
CA SER C 126 46.84 4.17 32.32
C SER C 126 46.30 3.17 33.33
N LYS C 129 44.07 -1.01 30.10
CA LYS C 129 44.36 -1.70 28.85
C LYS C 129 45.26 -0.87 27.93
N SER C 130 45.48 -1.39 26.72
CA SER C 130 46.19 -0.67 25.67
C SER C 130 45.79 -1.25 24.32
N VAL C 131 45.82 -0.41 23.28
CA VAL C 131 45.23 -0.75 21.99
C VAL C 131 46.23 -0.52 20.86
N CYS C 132 46.05 -1.29 19.79
CA CYS C 132 46.82 -1.15 18.56
C CYS C 132 45.87 -0.75 17.43
N LEU C 133 46.33 0.14 16.56
CA LEU C 133 45.50 0.68 15.48
C LEU C 133 46.12 0.32 14.14
N PHE C 134 45.37 -0.43 13.34
CA PHE C 134 45.73 -0.71 11.95
C PHE C 134 45.01 0.29 11.06
N THR C 135 45.76 1.18 10.41
CA THR C 135 45.18 2.28 9.67
C THR C 135 45.94 2.53 8.37
N ASP C 136 45.26 3.21 7.45
CA ASP C 136 45.82 3.73 6.20
C ASP C 136 46.02 2.66 5.14
N PHE C 137 45.61 1.43 5.37
CA PHE C 137 45.89 0.35 4.42
C PHE C 137 44.97 0.43 3.21
N ASP C 138 45.33 -0.37 2.19
CA ASP C 138 44.56 -0.43 0.95
C ASP C 138 43.19 -1.05 1.17
N SER C 139 42.21 -0.57 0.41
CA SER C 139 40.84 -1.07 0.53
C SER C 139 40.74 -2.54 0.17
N GLN C 140 41.74 -3.10 -0.50
CA GLN C 140 41.70 -4.50 -0.89
C GLN C 140 41.84 -5.42 0.31
N THR C 141 42.59 -5.01 1.33
CA THR C 141 42.83 -5.86 2.49
C THR C 141 41.55 -6.06 3.30
N ASN C 142 41.46 -7.22 3.95
CA ASN C 142 40.37 -7.53 4.86
C ASN C 142 40.94 -8.05 6.17
N VAL C 143 40.19 -7.83 7.25
CA VAL C 143 40.63 -8.13 8.61
C VAL C 143 39.76 -9.25 9.17
N SER C 144 40.41 -10.29 9.68
CA SER C 144 39.74 -11.43 10.28
C SER C 144 39.75 -11.32 11.80
N GLN C 145 38.81 -12.04 12.43
CA GLN C 145 38.69 -12.02 13.88
C GLN C 145 39.98 -12.52 14.53
N SER C 146 40.05 -12.40 15.85
CA SER C 146 41.26 -12.73 16.58
C SER C 146 41.41 -14.24 16.72
N LYS C 147 42.60 -14.66 17.19
CA LYS C 147 42.90 -16.07 17.40
C LYS C 147 42.74 -16.50 18.85
N ASP C 148 42.69 -15.56 19.79
CA ASP C 148 42.47 -15.86 21.20
C ASP C 148 41.28 -15.07 21.70
N SER C 149 40.30 -15.77 22.27
CA SER C 149 39.29 -15.08 23.04
C SER C 149 39.96 -14.33 24.18
N ASP C 150 39.35 -13.22 24.58
CA ASP C 150 39.96 -12.24 25.46
C ASP C 150 40.92 -11.35 24.69
N VAL C 151 40.91 -11.44 23.35
CA VAL C 151 41.62 -10.53 22.48
C VAL C 151 40.63 -10.05 21.42
N TYR C 152 40.54 -8.73 21.23
CA TYR C 152 39.43 -8.12 20.51
C TYR C 152 39.93 -7.32 19.31
N ILE C 153 39.19 -7.44 18.19
CA ILE C 153 39.46 -6.68 16.98
C ILE C 153 38.13 -6.23 16.39
N THR C 154 38.11 -5.01 15.87
CA THR C 154 36.94 -4.45 15.21
C THR C 154 37.07 -4.57 13.70
N ASP C 155 35.94 -4.39 13.02
CA ASP C 155 35.91 -4.56 11.57
C ASP C 155 36.59 -3.38 10.88
N LYS C 156 36.63 -3.44 9.56
CA LYS C 156 37.10 -2.32 8.77
C LYS C 156 36.27 -1.08 9.09
N CYS C 157 36.92 0.08 9.13
CA CYS C 157 36.23 1.33 9.42
C CYS C 157 36.84 2.44 8.56
N VAL C 158 35.97 3.19 7.88
CA VAL C 158 36.39 4.19 6.91
C VAL C 158 36.01 5.57 7.44
N LEU C 159 37.01 6.41 7.69
CA LEU C 159 36.78 7.79 8.11
C LEU C 159 37.06 8.73 6.95
N ASP C 160 36.39 9.88 6.95
CA ASP C 160 36.49 10.85 5.88
C ASP C 160 36.84 12.21 6.47
N MET C 161 38.08 12.64 6.26
CA MET C 161 38.53 13.98 6.63
C MET C 161 38.14 14.93 5.49
N ARG C 162 36.86 15.30 5.47
CA ARG C 162 36.30 16.06 4.36
C ARG C 162 37.09 17.33 4.08
N SER C 163 37.64 17.95 5.12
CA SER C 163 38.42 19.17 4.93
C SER C 163 39.64 18.91 4.06
N MET C 164 40.32 17.79 4.28
CA MET C 164 41.55 17.47 3.56
C MET C 164 41.31 16.62 2.32
N ASP C 165 40.06 16.27 2.01
CA ASP C 165 39.75 15.36 0.91
C ASP C 165 40.60 14.10 1.01
N PHE C 166 40.64 13.53 2.21
CA PHE C 166 41.45 12.36 2.51
C PHE C 166 40.58 11.33 3.21
N LYS C 167 40.69 10.07 2.80
CA LYS C 167 39.99 8.97 3.44
C LYS C 167 40.98 7.84 3.71
N SER C 168 40.74 7.13 4.81
CA SER C 168 41.64 6.06 5.25
C SER C 168 40.82 4.97 5.91
N ASN C 169 41.35 3.75 5.86
CA ASN C 169 40.76 2.62 6.55
C ASN C 169 41.44 2.43 7.91
N SER C 170 40.76 1.70 8.79
CA SER C 170 41.28 1.52 10.13
C SER C 170 40.57 0.36 10.82
N ALA C 171 41.24 -0.18 11.83
CA ALA C 171 40.66 -1.18 12.72
C ALA C 171 41.37 -1.08 14.06
N VAL C 172 40.69 -1.52 15.11
CA VAL C 172 41.20 -1.38 16.47
C VAL C 172 41.28 -2.77 17.10
N ALA C 173 42.42 -3.06 17.73
CA ALA C 173 42.62 -4.29 18.46
C ALA C 173 43.18 -3.97 19.84
N TRP C 174 42.71 -4.71 20.85
CA TRP C 174 43.16 -4.50 22.22
C TRP C 174 42.98 -5.77 23.02
N SER C 175 43.67 -5.82 24.16
CA SER C 175 43.56 -6.95 25.08
C SER C 175 44.24 -6.57 26.38
N ASN C 176 44.11 -7.45 27.37
CA ASN C 176 44.71 -7.29 28.68
C ASN C 176 46.01 -8.07 28.85
N LYS C 177 46.04 -9.32 28.37
CA LYS C 177 47.17 -10.23 28.56
C LYS C 177 48.53 -9.55 28.43
N ASP C 179 51.88 -9.66 27.37
CA ASP C 179 51.55 -10.82 26.56
C ASP C 179 51.10 -10.38 25.16
N PHE C 180 50.23 -9.37 25.09
CA PHE C 180 49.67 -8.90 23.83
C PHE C 180 50.49 -7.73 23.30
N ALA C 181 50.87 -7.82 22.02
CA ALA C 181 51.71 -6.81 21.39
C ALA C 181 51.17 -6.48 20.00
N CYS C 182 51.58 -5.31 19.49
CA CYS C 182 51.06 -4.82 18.22
C CYS C 182 51.50 -5.67 17.03
N ALA C 183 52.63 -6.38 17.16
CA ALA C 183 53.09 -7.22 16.05
C ALA C 183 52.25 -8.48 15.91
N ASN C 184 51.85 -9.08 17.03
CA ASN C 184 51.01 -10.26 17.01
C ASN C 184 49.54 -9.94 16.79
N ALA C 185 49.20 -8.68 16.61
CA ALA C 185 47.80 -8.26 16.61
C ALA C 185 47.02 -8.91 15.48
N PHE C 186 47.43 -8.68 14.24
CA PHE C 186 46.61 -8.99 13.07
C PHE C 186 47.17 -10.16 12.26
N ASN C 187 47.72 -11.16 12.95
CA ASN C 187 48.34 -12.28 12.25
C ASN C 187 47.33 -13.14 11.49
N ASN C 188 46.08 -13.15 11.94
CA ASN C 188 45.04 -13.97 11.31
C ASN C 188 44.53 -13.38 10.01
N SER C 189 44.98 -12.19 9.64
CA SER C 189 44.52 -11.51 8.44
C SER C 189 45.67 -11.35 7.47
N ILE C 190 45.33 -11.31 6.17
CA ILE C 190 46.31 -11.12 5.11
C ILE C 190 46.69 -9.65 5.11
N ILE C 191 47.84 -9.34 5.69
CA ILE C 191 48.29 -7.96 5.86
C ILE C 191 49.28 -7.62 4.75
N PRO C 192 49.31 -6.39 4.25
CA PRO C 192 50.32 -6.02 3.25
C PRO C 192 51.73 -6.21 3.80
N GLU C 193 52.62 -6.68 2.92
CA GLU C 193 53.98 -7.02 3.35
C GLU C 193 54.74 -5.79 3.84
N ASP C 194 54.47 -4.62 3.26
CA ASP C 194 55.18 -3.39 3.59
C ASP C 194 54.55 -2.65 4.76
N THR C 195 53.72 -3.33 5.56
CA THR C 195 53.15 -2.69 6.74
C THR C 195 54.26 -2.35 7.74
N PHE C 196 54.11 -1.22 8.42
CA PHE C 196 55.16 -0.63 9.24
C PHE C 196 54.80 -0.73 10.72
N PHE C 197 55.63 -1.44 11.49
CA PHE C 197 55.49 -1.58 12.94
C PHE C 197 56.64 -0.90 13.65
N PRO C 198 56.44 0.24 14.34
CA PRO C 198 57.52 0.92 15.05
C PRO C 198 57.75 0.38 16.47
N GLY D 3 7.42 15.91 10.49
CA GLY D 3 7.37 14.59 9.86
C GLY D 3 6.56 13.55 10.60
N VAL D 4 7.16 12.38 10.84
CA VAL D 4 6.55 11.32 11.64
C VAL D 4 7.36 11.18 12.93
N THR D 5 6.71 11.37 14.07
CA THR D 5 7.36 11.36 15.36
C THR D 5 6.88 10.16 16.16
N GLN D 6 7.81 9.30 16.56
CA GLN D 6 7.49 8.15 17.39
C GLN D 6 8.44 8.09 18.57
N THR D 7 7.89 7.81 19.75
CA THR D 7 8.64 7.76 20.99
C THR D 7 8.36 6.44 21.71
N PRO D 8 9.33 5.94 22.49
CA PRO D 8 10.68 6.46 22.70
C PRO D 8 11.70 5.87 21.73
N LYS D 9 12.89 6.46 21.61
CA LYS D 9 13.91 5.89 20.72
C LYS D 9 14.41 4.55 21.24
N PHE D 10 14.58 4.42 22.55
CA PHE D 10 15.01 3.18 23.18
C PHE D 10 14.12 2.88 24.38
N GLN D 11 14.06 1.61 24.75
CA GLN D 11 13.42 1.23 26.00
C GLN D 11 13.91 -0.15 26.41
N VAL D 12 13.99 -0.35 27.73
CA VAL D 12 14.33 -1.64 28.32
C VAL D 12 13.10 -2.14 29.07
N LEU D 13 12.75 -3.40 28.86
CA LEU D 13 11.57 -3.99 29.46
C LEU D 13 11.89 -5.34 30.07
N LYS D 14 11.26 -5.63 31.21
CA LYS D 14 11.37 -6.92 31.85
C LYS D 14 10.22 -7.80 31.39
N THR D 15 10.53 -9.07 31.16
CA THR D 15 9.51 -9.98 30.64
C THR D 15 8.26 -9.91 31.51
N GLY D 16 7.13 -9.63 30.89
CA GLY D 16 5.88 -9.45 31.59
C GLY D 16 5.48 -8.02 31.87
N GLN D 17 6.28 -7.04 31.43
CA GLN D 17 5.92 -5.64 31.59
C GLN D 17 4.86 -5.24 30.56
N SER D 18 4.23 -4.10 30.83
CA SER D 18 3.38 -3.43 29.86
C SER D 18 4.12 -2.23 29.29
N MET D 19 3.81 -1.90 28.04
CA MET D 19 4.57 -0.88 27.31
C MET D 19 3.72 -0.32 26.19
N THR D 20 3.85 0.97 25.93
CA THR D 20 3.10 1.64 24.87
C THR D 20 4.03 2.55 24.08
N LEU D 21 3.94 2.50 22.75
CA LEU D 21 4.74 3.34 21.87
C LEU D 21 3.87 4.42 21.26
N GLN D 22 4.34 5.67 21.36
CA GLN D 22 3.60 6.81 20.83
C GLN D 22 4.04 7.07 19.39
N CYS D 23 3.08 7.44 18.54
CA CYS D 23 3.42 7.85 17.19
C CYS D 23 2.39 8.86 16.68
N ALA D 24 2.88 9.96 16.12
CA ALA D 24 2.04 11.00 15.56
C ALA D 24 2.65 11.48 14.25
N GLN D 25 1.79 11.97 13.36
CA GLN D 25 2.23 12.45 12.07
C GLN D 25 1.63 13.83 11.80
N ASP D 26 2.49 14.77 11.39
CA ASP D 26 2.10 16.14 11.12
C ASP D 26 1.55 16.34 9.72
N MET D 27 1.52 15.30 8.90
CA MET D 27 1.34 15.42 7.46
C MET D 27 -0.11 15.31 7.02
N ASN D 28 -1.06 15.22 7.94
CA ASN D 28 -2.46 15.09 7.58
C ASN D 28 -2.70 13.87 6.70
N HIS D 29 -2.04 12.77 7.05
CA HIS D 29 -2.26 11.48 6.41
C HIS D 29 -3.41 10.74 7.05
N ASN D 30 -3.96 9.77 6.32
CA ASN D 30 -5.07 8.98 6.85
C ASN D 30 -4.65 7.59 7.28
N SER D 31 -3.58 7.06 6.72
CA SER D 31 -3.16 5.70 7.00
C SER D 31 -1.90 5.72 7.87
N MET D 32 -1.85 4.81 8.84
CA MET D 32 -0.70 4.68 9.71
C MET D 32 -0.44 3.21 9.97
N TYR D 33 0.84 2.87 10.19
CA TYR D 33 1.29 1.50 10.25
C TYR D 33 2.27 1.31 11.40
N TRP D 34 2.26 0.12 11.99
CA TRP D 34 3.26 -0.27 12.97
C TRP D 34 3.97 -1.53 12.47
N TYR D 35 5.29 -1.43 12.34
CA TYR D 35 6.13 -2.49 11.80
C TYR D 35 7.15 -2.92 12.84
N ARG D 36 7.60 -4.18 12.74
CA ARG D 36 8.74 -4.64 13.50
C ARG D 36 9.77 -5.17 12.51
N GLN D 37 10.98 -4.61 12.57
CA GLN D 37 12.08 -4.99 11.68
C GLN D 37 13.05 -5.88 12.45
N ASP D 38 13.31 -7.06 11.92
CA ASP D 38 14.16 -8.00 12.62
C ASP D 38 15.26 -8.51 11.70
N PRO D 39 16.45 -8.75 12.24
CA PRO D 39 17.55 -9.25 11.40
C PRO D 39 17.15 -10.53 10.69
N GLY D 40 17.54 -10.61 9.42
CA GLY D 40 17.31 -11.82 8.65
C GLY D 40 16.12 -11.71 7.72
N MET D 41 15.04 -11.08 8.20
CA MET D 41 13.81 -10.98 7.44
C MET D 41 13.40 -9.52 7.30
N GLY D 42 12.59 -9.25 6.29
CA GLY D 42 12.16 -7.90 6.01
C GLY D 42 11.20 -7.39 7.07
N LEU D 43 10.75 -6.15 6.86
CA LEU D 43 9.76 -5.56 7.74
C LEU D 43 8.53 -6.43 7.79
N ARG D 44 7.96 -6.55 8.99
CA ARG D 44 6.71 -7.28 9.19
C ARG D 44 5.71 -6.36 9.87
N LEU D 45 4.54 -6.21 9.25
CA LEU D 45 3.51 -5.33 9.78
C LEU D 45 2.82 -5.99 10.98
N ILE D 46 2.59 -5.19 12.03
CA ILE D 46 1.97 -5.69 13.25
C ILE D 46 0.48 -5.35 13.22
N TYR D 47 0.16 -4.05 13.15
CA TYR D 47 -1.20 -3.57 12.98
C TYR D 47 -1.17 -2.36 12.07
N TYR D 48 -2.32 -2.03 11.49
CA TYR D 48 -2.41 -0.89 10.59
C TYR D 48 -3.77 -0.23 10.72
N SER D 49 -3.80 1.08 10.49
CA SER D 49 -5.01 1.89 10.59
C SER D 49 -5.24 2.52 9.22
N ALA D 50 -6.07 1.86 8.39
CA ALA D 50 -6.26 2.32 7.02
C ALA D 50 -6.82 3.73 6.97
N SER D 51 -7.51 4.15 8.02
CA SER D 51 -8.09 5.49 8.10
C SER D 51 -8.47 5.74 9.54
N GLU D 52 -8.92 6.96 9.81
CA GLU D 52 -9.32 7.30 11.16
C GLU D 52 -10.45 6.39 11.62
N GLY D 53 -10.45 6.05 12.90
CA GLY D 53 -11.50 5.20 13.45
C GLY D 53 -11.62 3.84 12.79
N THR D 54 -10.50 3.20 12.49
CA THR D 54 -10.53 1.83 11.99
C THR D 54 -9.14 1.21 12.04
N THR D 55 -9.02 0.05 12.65
CA THR D 55 -7.74 -0.64 12.77
C THR D 55 -7.94 -2.11 12.45
N ASP D 56 -6.86 -2.77 12.04
CA ASP D 56 -6.92 -4.19 11.71
C ASP D 56 -5.56 -4.82 11.97
N LYS D 57 -5.59 -6.13 12.21
CA LYS D 57 -4.37 -6.89 12.44
C LYS D 57 -3.50 -6.86 11.18
N GLY D 58 -2.20 -6.99 11.39
CA GLY D 58 -1.28 -7.08 10.27
C GLY D 58 -0.88 -8.52 10.03
N GLU D 59 0.43 -8.77 9.95
CA GLU D 59 0.94 -10.11 9.73
C GLU D 59 1.31 -10.81 11.03
N VAL D 60 1.65 -10.06 12.07
CA VAL D 60 2.04 -10.64 13.36
C VAL D 60 1.35 -9.90 14.50
N PRO D 61 0.03 -9.99 14.63
CA PRO D 61 -0.70 -9.22 15.65
C PRO D 61 -0.79 -9.86 17.02
N ASN D 62 -0.03 -10.92 17.30
CA ASN D 62 -0.11 -11.60 18.59
C ASN D 62 0.74 -10.88 19.63
N GLY D 63 0.14 -10.62 20.79
CA GLY D 63 0.82 -9.91 21.85
C GLY D 63 0.83 -8.40 21.70
N TYR D 64 0.22 -7.87 20.65
CA TYR D 64 0.17 -6.44 20.42
C TYR D 64 -1.29 -5.99 20.30
N ASN D 65 -1.50 -4.70 20.54
CA ASN D 65 -2.77 -4.05 20.26
C ASN D 65 -2.50 -2.59 19.92
N VAL D 66 -3.43 -1.97 19.18
CA VAL D 66 -3.24 -0.61 18.72
C VAL D 66 -4.51 0.19 18.95
N SER D 67 -4.37 1.51 18.90
CA SER D 67 -5.49 2.43 19.09
C SER D 67 -5.29 3.64 18.18
N ARG D 68 -6.20 3.82 17.24
CA ARG D 68 -6.20 5.01 16.39
C ARG D 68 -6.82 6.15 17.17
N LEU D 69 -6.00 6.84 17.96
CA LEU D 69 -6.53 7.86 18.87
C LEU D 69 -7.25 8.97 18.11
N ASN D 70 -6.66 9.43 17.02
CA ASN D 70 -7.28 10.45 16.16
C ASN D 70 -6.61 10.34 14.80
N LYS D 71 -6.85 11.35 13.95
CA LYS D 71 -6.21 11.34 12.64
C LYS D 71 -4.70 11.39 12.74
N ARG D 72 -4.16 11.80 13.88
CA ARG D 72 -2.73 12.09 14.00
C ARG D 72 -1.94 11.05 14.77
N GLU D 73 -2.55 10.33 15.72
CA GLU D 73 -1.82 9.43 16.61
C GLU D 73 -2.26 7.99 16.40
N PHE D 74 -1.28 7.09 16.44
CA PHE D 74 -1.50 5.65 16.31
C PHE D 74 -0.57 4.95 17.30
N SER D 75 -1.13 4.51 18.42
CA SER D 75 -0.35 3.98 19.53
C SER D 75 -0.32 2.46 19.48
N LEU D 76 0.83 1.90 19.84
CA LEU D 76 1.03 0.46 19.87
C LEU D 76 1.32 0.03 21.31
N ARG D 77 0.67 -1.06 21.74
CA ARG D 77 0.75 -1.54 23.11
C ARG D 77 1.30 -2.96 23.16
N LEU D 78 2.10 -3.23 24.18
CA LEU D 78 2.54 -4.58 24.54
C LEU D 78 1.98 -4.86 25.93
N GLU D 79 0.81 -5.49 25.98
CA GLU D 79 0.14 -5.72 27.26
C GLU D 79 1.00 -6.55 28.21
N SER D 80 1.84 -7.43 27.66
CA SER D 80 2.82 -8.17 28.46
C SER D 80 4.03 -8.46 27.59
N ALA D 81 5.20 -7.96 28.01
CA ALA D 81 6.40 -8.07 27.19
C ALA D 81 6.96 -9.48 27.22
N ALA D 82 7.58 -9.88 26.11
CA ALA D 82 8.21 -11.18 25.99
C ALA D 82 9.56 -11.02 25.31
N PRO D 83 10.51 -11.91 25.60
CA PRO D 83 11.80 -11.83 24.91
C PRO D 83 11.66 -11.93 23.41
N SER D 84 10.71 -12.73 22.94
CA SER D 84 10.45 -12.89 21.51
C SER D 84 9.89 -11.59 20.91
N GLN D 85 9.77 -10.56 21.72
CA GLN D 85 9.30 -9.26 21.26
C GLN D 85 10.42 -8.24 21.09
N THR D 86 11.64 -8.57 21.52
CA THR D 86 12.78 -7.67 21.37
C THR D 86 13.02 -7.39 19.89
N SER D 87 12.90 -6.13 19.49
CA SER D 87 13.00 -5.77 18.08
C SER D 87 13.04 -4.26 17.96
N VAL D 88 13.15 -3.79 16.72
CA VAL D 88 13.06 -2.37 16.38
C VAL D 88 11.72 -2.13 15.73
N TYR D 89 10.94 -1.22 16.29
CA TYR D 89 9.58 -0.95 15.85
C TYR D 89 9.54 0.38 15.11
N PHE D 90 9.02 0.36 13.89
CA PHE D 90 8.92 1.54 13.06
C PHE D 90 7.45 1.89 12.85
N CYS D 91 7.12 3.15 13.07
CA CYS D 91 5.81 3.69 12.76
C CYS D 91 5.89 4.37 11.40
N ALA D 92 4.90 4.11 10.55
CA ALA D 92 4.84 4.72 9.24
C ALA D 92 3.44 5.23 8.97
N SER D 93 3.36 6.21 8.07
CA SER D 93 2.09 6.73 7.61
C SER D 93 2.16 6.95 6.11
N SER D 94 1.00 6.91 5.46
CA SER D 94 0.87 7.26 4.06
C SER D 94 -0.43 8.04 3.88
N VAL D 95 -0.54 8.72 2.74
CA VAL D 95 -1.71 9.57 2.52
C VAL D 95 -2.98 8.74 2.55
N TRP D 96 -3.00 7.63 1.81
CA TRP D 96 -4.11 6.70 1.82
C TRP D 96 -3.59 5.29 1.63
N THR D 97 -4.44 4.32 1.97
CA THR D 97 -4.22 2.94 1.60
C THR D 97 -5.02 2.63 0.34
N GLY D 98 -4.54 1.66 -0.43
CA GLY D 98 -5.13 1.36 -1.71
C GLY D 98 -4.61 2.18 -2.86
N GLU D 99 -3.83 3.23 -2.58
CA GLU D 99 -3.11 3.92 -3.64
C GLU D 99 -2.07 2.98 -4.24
N GLY D 100 -1.68 3.29 -5.47
CA GLY D 100 -0.62 2.52 -6.08
C GLY D 100 0.72 3.06 -5.67
N SER D 101 0.95 4.34 -5.96
CA SER D 101 2.23 4.99 -5.71
C SER D 101 2.32 5.59 -4.32
N GLY D 102 1.30 5.40 -3.47
CA GLY D 102 1.38 5.90 -2.13
C GLY D 102 2.61 5.37 -1.44
N GLU D 103 3.59 6.23 -1.20
CA GLU D 103 4.80 5.82 -0.50
C GLU D 103 4.66 6.03 1.01
N LEU D 104 5.46 5.29 1.76
CA LEU D 104 5.42 5.29 3.21
C LEU D 104 6.36 6.33 3.80
N PHE D 105 6.03 6.78 5.01
CA PHE D 105 6.81 7.78 5.74
C PHE D 105 7.08 7.23 7.13
N PHE D 106 8.35 6.94 7.42
CA PHE D 106 8.74 6.19 8.61
C PHE D 106 9.17 7.11 9.73
N GLY D 107 8.93 6.66 10.97
CA GLY D 107 9.47 7.32 12.12
C GLY D 107 10.93 6.96 12.33
N GLU D 108 11.53 7.58 13.35
CA GLU D 108 12.93 7.33 13.63
C GLU D 108 13.18 5.89 14.03
N GLY D 109 12.17 5.18 14.55
CA GLY D 109 12.33 3.80 14.97
C GLY D 109 12.52 3.68 16.47
N SER D 110 11.96 2.63 17.08
CA SER D 110 12.04 2.41 18.51
C SER D 110 12.63 1.03 18.79
N ARG D 111 13.75 1.00 19.50
CA ARG D 111 14.45 -0.24 19.81
C ARG D 111 14.03 -0.73 21.18
N LEU D 112 13.47 -1.93 21.25
CA LEU D 112 13.10 -2.57 22.50
C LEU D 112 13.98 -3.78 22.76
N THR D 113 14.36 -3.97 24.01
CA THR D 113 15.06 -5.17 24.46
C THR D 113 14.37 -5.64 25.73
N VAL D 114 13.75 -6.82 25.67
CA VAL D 114 13.02 -7.41 26.78
C VAL D 114 13.91 -8.46 27.44
N LEU D 115 14.04 -8.38 28.76
CA LEU D 115 14.98 -9.20 29.52
C LEU D 115 14.27 -9.86 30.69
N GLU D 116 14.78 -11.04 31.09
CA GLU D 116 14.17 -11.75 32.20
C GLU D 116 14.24 -10.94 33.49
N ASP D 117 15.38 -10.33 33.75
CA ASP D 117 15.47 -9.33 34.82
C ASP D 117 16.50 -8.29 34.42
N LEU D 118 16.37 -7.11 35.03
CA LEU D 118 17.26 -5.99 34.72
C LEU D 118 18.63 -6.14 35.35
N LYS D 119 18.94 -7.33 35.87
CA LYS D 119 20.15 -7.50 36.67
C LYS D 119 21.41 -7.31 35.82
N ASN D 120 21.33 -7.51 34.51
CA ASN D 120 22.50 -7.48 33.64
C ASN D 120 22.67 -6.17 32.90
N VAL D 121 21.90 -5.13 33.24
CA VAL D 121 22.01 -3.86 32.55
C VAL D 121 23.14 -3.05 33.16
N PHE D 122 24.15 -2.72 32.35
CA PHE D 122 25.34 -2.03 32.84
C PHE D 122 25.73 -0.90 31.88
N PRO D 123 25.88 0.32 32.36
CA PRO D 123 26.30 1.42 31.51
C PRO D 123 27.74 1.22 31.05
N PRO D 124 28.13 1.84 29.94
CA PRO D 124 29.47 1.59 29.41
C PRO D 124 30.54 2.28 30.23
N GLU D 125 31.75 1.77 30.11
CA GLU D 125 32.94 2.46 30.57
C GLU D 125 33.66 2.99 29.35
N VAL D 126 33.97 4.29 29.36
CA VAL D 126 34.52 4.98 28.20
C VAL D 126 35.93 5.45 28.54
N ALA D 127 36.88 5.10 27.68
CA ALA D 127 38.25 5.56 27.81
C ALA D 127 38.74 6.03 26.45
N VAL D 128 39.67 6.98 26.46
CA VAL D 128 40.20 7.58 25.25
C VAL D 128 41.70 7.40 25.21
N PHE D 129 42.22 7.03 24.04
CA PHE D 129 43.64 6.77 23.83
C PHE D 129 44.22 7.81 22.88
N GLU D 130 45.31 8.46 23.31
CA GLU D 130 45.91 9.53 22.53
C GLU D 130 46.59 8.97 21.28
N PRO D 131 46.75 9.79 20.25
CA PRO D 131 47.33 9.30 18.99
C PRO D 131 48.77 8.83 19.19
N SER D 132 49.14 7.81 18.42
CA SER D 132 50.49 7.27 18.49
C SER D 132 51.51 8.31 18.03
N GLU D 133 52.65 8.37 18.72
CA GLU D 133 53.69 9.31 18.33
C GLU D 133 54.21 9.01 16.93
N ALA D 134 54.33 7.72 16.59
CA ALA D 134 54.82 7.34 15.28
C ALA D 134 53.91 7.87 14.17
N GLU D 135 52.59 7.77 14.37
CA GLU D 135 51.65 8.17 13.33
C GLU D 135 51.78 9.65 12.99
N ILE D 136 52.00 10.49 14.01
CA ILE D 136 52.00 11.94 13.80
C ILE D 136 53.14 12.34 12.87
N SER D 137 54.33 11.83 13.12
CA SER D 137 55.50 12.19 12.34
C SER D 137 55.60 11.45 11.02
N HIS D 138 54.71 10.48 10.78
CA HIS D 138 54.70 9.72 9.53
C HIS D 138 53.62 10.20 8.57
N THR D 139 52.45 10.59 9.08
CA THR D 139 51.32 10.97 8.24
C THR D 139 50.89 12.42 8.37
N GLN D 140 51.44 13.16 9.34
CA GLN D 140 51.00 14.53 9.61
C GLN D 140 49.54 14.57 10.04
N LYS D 141 49.09 13.48 10.67
CA LYS D 141 47.70 13.36 11.09
C LYS D 141 47.66 12.58 12.39
N ALA D 142 46.76 12.97 13.29
CA ALA D 142 46.62 12.34 14.59
C ALA D 142 45.31 11.57 14.64
N THR D 143 45.39 10.28 14.91
CA THR D 143 44.22 9.40 14.98
C THR D 143 43.97 9.01 16.42
N LEU D 144 42.79 9.35 16.93
CA LEU D 144 42.37 8.99 18.27
C LEU D 144 41.48 7.75 18.23
N VAL D 145 41.40 7.07 19.38
CA VAL D 145 40.57 5.88 19.51
C VAL D 145 39.78 5.98 20.80
N CYS D 146 38.51 5.57 20.75
CA CYS D 146 37.63 5.56 21.89
C CYS D 146 37.02 4.17 22.04
N LEU D 147 36.85 3.74 23.29
CA LEU D 147 36.34 2.41 23.58
C LEU D 147 35.21 2.50 24.60
N ALA D 148 34.13 1.79 24.32
CA ALA D 148 33.05 1.59 25.28
C ALA D 148 32.98 0.11 25.59
N THR D 149 33.18 -0.25 26.86
CA THR D 149 33.35 -1.64 27.26
C THR D 149 32.31 -2.03 28.30
N GLY D 150 31.92 -3.29 28.27
CA GLY D 150 31.11 -3.85 29.34
C GLY D 150 29.77 -3.17 29.53
N PHE D 151 29.07 -2.88 28.44
CA PHE D 151 27.73 -2.30 28.51
C PHE D 151 26.71 -3.27 27.94
N TYR D 152 25.48 -3.18 28.45
CA TYR D 152 24.41 -4.09 28.04
C TYR D 152 23.06 -3.51 28.45
N PRO D 153 22.08 -3.47 27.54
CA PRO D 153 22.09 -4.02 26.18
C PRO D 153 22.70 -3.08 25.15
N ASP D 154 22.65 -3.42 23.86
CA ASP D 154 23.20 -2.58 22.81
C ASP D 154 22.29 -1.37 22.61
N HIS D 155 22.42 -0.40 23.51
CA HIS D 155 21.60 0.81 23.57
C HIS D 155 22.48 2.04 23.69
N VAL D 156 23.47 2.17 22.81
CA VAL D 156 24.47 3.23 22.93
C VAL D 156 24.48 4.08 21.67
N GLU D 157 24.84 5.35 21.85
CA GLU D 157 25.08 6.29 20.75
C GLU D 157 26.38 7.04 21.05
N LEU D 158 27.41 6.76 20.25
CA LEU D 158 28.74 7.33 20.46
C LEU D 158 28.91 8.60 19.63
N SER D 159 29.46 9.63 20.26
CA SER D 159 29.68 10.92 19.62
C SER D 159 31.04 11.47 20.03
N TRP D 160 31.57 12.35 19.19
CA TRP D 160 32.83 13.03 19.45
C TRP D 160 32.56 14.52 19.64
N TRP D 161 33.23 15.12 20.61
CA TRP D 161 32.96 16.50 21.02
C TRP D 161 34.29 17.25 21.15
N VAL D 162 34.68 17.91 20.08
CA VAL D 162 35.92 18.70 20.06
C VAL D 162 35.59 20.13 20.45
N ASN D 163 36.20 20.61 21.53
CA ASN D 163 35.97 21.97 22.00
C ASN D 163 34.48 22.25 22.18
N GLY D 164 33.78 21.26 22.74
CA GLY D 164 32.39 21.44 23.13
C GLY D 164 31.38 21.35 22.02
N LYS D 165 31.81 21.27 20.77
CA LYS D 165 30.88 21.15 19.64
C LYS D 165 31.02 19.76 19.03
N GLU D 166 29.89 19.09 18.83
CA GLU D 166 29.90 17.78 18.22
C GLU D 166 30.52 17.87 16.83
N VAL D 167 31.43 16.96 16.54
CA VAL D 167 32.09 16.89 15.25
C VAL D 167 31.65 15.62 14.54
N HIS D 168 31.69 15.66 13.21
CA HIS D 168 31.31 14.50 12.40
C HIS D 168 32.39 14.18 11.38
N SER D 169 33.16 15.18 10.99
CA SER D 169 34.21 14.98 9.99
C SER D 169 35.35 14.17 10.56
N GLY D 170 35.83 13.20 9.78
CA GLY D 170 36.94 12.36 10.21
C GLY D 170 36.61 11.47 11.40
N VAL D 171 35.43 10.86 11.41
CA VAL D 171 35.00 9.99 12.50
C VAL D 171 34.52 8.68 11.91
N CYS D 172 34.74 7.59 12.67
CA CYS D 172 34.30 6.28 12.25
C CYS D 172 33.97 5.47 13.49
N THR D 173 32.70 5.14 13.67
CA THR D 173 32.24 4.31 14.77
C THR D 173 31.81 2.96 14.24
N ASP D 174 32.15 1.89 14.96
CA ASP D 174 31.75 0.56 14.54
C ASP D 174 30.23 0.49 14.45
N PRO D 175 29.67 0.06 13.32
CA PRO D 175 28.22 -0.09 13.26
C PRO D 175 27.70 -1.21 14.12
N GLN D 176 28.47 -2.29 14.26
CA GLN D 176 28.08 -3.45 15.04
C GLN D 176 28.98 -3.54 16.26
N PRO D 177 28.44 -3.41 17.47
CA PRO D 177 29.26 -3.59 18.69
C PRO D 177 29.44 -5.08 18.97
N LEU D 178 30.69 -5.52 19.06
CA LEU D 178 30.99 -6.91 19.36
C LEU D 178 30.87 -7.18 20.86
N LYS D 179 30.68 -8.46 21.21
CA LYS D 179 30.50 -8.87 22.59
C LYS D 179 31.83 -9.14 23.28
N GLU D 180 31.89 -8.78 24.57
CA GLU D 180 33.09 -9.05 25.37
C GLU D 180 33.31 -10.55 25.52
N GLN D 181 32.27 -11.29 25.93
CA GLN D 181 32.33 -12.75 26.08
C GLN D 181 31.35 -13.35 25.09
N PRO D 182 31.75 -13.54 23.83
CA PRO D 182 30.79 -13.95 22.80
C PRO D 182 30.13 -15.28 23.08
N ALA D 183 30.73 -16.13 23.91
CA ALA D 183 30.16 -17.44 24.19
C ALA D 183 28.76 -17.31 24.79
N LEU D 184 28.63 -16.52 25.86
CA LEU D 184 27.33 -16.32 26.49
C LEU D 184 26.44 -15.48 25.60
N ASN D 185 25.14 -15.77 25.63
CA ASN D 185 24.16 -14.91 24.96
C ASN D 185 23.80 -13.69 25.79
N ASP D 186 24.13 -13.70 27.08
CA ASP D 186 23.96 -12.55 27.97
C ASP D 186 25.22 -11.70 28.05
N SER D 187 26.04 -11.70 27.00
CA SER D 187 27.37 -11.08 27.05
C SER D 187 27.28 -9.56 26.98
N ARG D 188 28.22 -8.90 27.66
CA ARG D 188 28.39 -7.47 27.53
C ARG D 188 28.86 -7.12 26.12
N TYR D 189 28.54 -5.90 25.69
CA TYR D 189 28.95 -5.41 24.38
C TYR D 189 30.09 -4.41 24.53
N ALA D 190 30.92 -4.33 23.50
CA ALA D 190 32.01 -3.35 23.41
C ALA D 190 31.99 -2.72 22.03
N LEU D 191 32.30 -1.43 21.98
CA LEU D 191 32.25 -0.67 20.73
C LEU D 191 33.40 0.34 20.70
N SER D 192 34.02 0.48 19.52
CA SER D 192 35.17 1.36 19.35
C SER D 192 34.85 2.41 18.30
N SER D 193 35.61 3.50 18.35
CA SER D 193 35.44 4.62 17.43
C SER D 193 36.78 5.28 17.19
N ARG D 194 36.87 6.03 16.10
CA ARG D 194 38.09 6.73 15.71
C ARG D 194 37.78 8.16 15.29
N LEU D 195 38.62 9.09 15.75
CA LEU D 195 38.57 10.47 15.31
C LEU D 195 39.96 10.89 14.88
N ARG D 196 40.06 11.43 13.66
CA ARG D 196 41.34 11.80 13.06
C ARG D 196 41.34 13.27 12.70
N VAL D 197 42.41 13.98 13.04
CA VAL D 197 42.58 15.39 12.73
C VAL D 197 44.03 15.62 12.31
N SER D 198 44.26 16.78 11.70
CA SER D 198 45.61 17.17 11.33
C SER D 198 46.50 17.22 12.57
N ALA D 199 47.75 16.77 12.42
CA ALA D 199 48.67 16.78 13.54
C ALA D 199 48.86 18.19 14.10
N THR D 200 48.63 19.24 13.30
CA THR D 200 48.64 20.59 13.84
C THR D 200 47.56 20.76 14.90
N PHE D 201 46.36 20.26 14.63
CA PHE D 201 45.26 20.35 15.59
C PHE D 201 45.61 19.63 16.89
N TRP D 202 46.15 18.42 16.80
CA TRP D 202 46.43 17.63 17.99
C TRP D 202 47.49 18.30 18.87
N GLN D 203 48.53 18.86 18.25
CA GLN D 203 49.64 19.41 19.02
C GLN D 203 49.26 20.67 19.77
N ASN D 204 48.15 21.30 19.41
CA ASN D 204 47.70 22.49 20.13
C ASN D 204 47.09 22.09 21.46
N PRO D 205 47.67 22.45 22.60
CA PRO D 205 47.09 22.05 23.89
C PRO D 205 45.83 22.81 24.26
N ARG D 206 45.52 23.90 23.57
CA ARG D 206 44.27 24.62 23.75
C ARG D 206 43.09 23.94 23.09
N ASN D 207 43.26 22.69 22.64
CA ASN D 207 42.21 21.93 22.00
C ASN D 207 41.72 20.85 22.96
N HIS D 208 40.40 20.78 23.14
CA HIS D 208 39.77 19.82 24.03
C HIS D 208 38.99 18.81 23.20
N PHE D 209 39.30 17.53 23.40
CA PHE D 209 38.62 16.44 22.72
C PHE D 209 37.88 15.61 23.75
N ARG D 210 36.61 15.30 23.48
CA ARG D 210 35.82 14.45 24.35
C ARG D 210 35.09 13.40 23.54
N CYS D 211 35.14 12.16 24.00
CA CYS D 211 34.36 11.06 23.43
C CYS D 211 33.16 10.81 24.33
N GLN D 212 31.96 10.93 23.76
CA GLN D 212 30.72 10.78 24.51
C GLN D 212 30.01 9.50 24.10
N VAL D 213 29.59 8.72 25.09
CA VAL D 213 28.76 7.55 24.86
C VAL D 213 27.45 7.79 25.59
N GLN D 214 26.37 7.88 24.83
CA GLN D 214 25.02 7.99 25.39
C GLN D 214 24.45 6.59 25.55
N PHE D 215 24.05 6.24 26.76
CA PHE D 215 23.54 4.91 27.07
C PHE D 215 22.09 5.01 27.53
N TYR D 216 21.24 4.14 27.00
CA TYR D 216 19.81 4.12 27.32
C TYR D 216 19.52 2.89 28.16
N GLY D 217 19.19 3.12 29.43
CA GLY D 217 18.95 2.03 30.35
C GLY D 217 17.64 2.12 31.08
N LEU D 218 17.68 2.11 32.42
CA LEU D 218 16.48 2.10 33.22
C LEU D 218 15.82 3.47 33.24
N SER D 219 14.49 3.47 33.28
CA SER D 219 13.70 4.68 33.22
C SER D 219 13.40 5.19 34.63
N GLU D 220 12.49 6.17 34.72
CA GLU D 220 12.23 6.87 35.97
C GLU D 220 11.35 6.09 36.92
N ASN D 221 10.47 5.25 36.39
CA ASN D 221 9.58 4.42 37.20
C ASN D 221 9.98 2.95 37.13
N ASP D 222 11.28 2.69 37.07
CA ASP D 222 11.83 1.34 37.11
C ASP D 222 12.37 1.06 38.50
N GLU D 223 11.84 0.02 39.14
CA GLU D 223 12.28 -0.34 40.48
C GLU D 223 13.71 -0.88 40.44
N TRP D 224 14.53 -0.42 41.37
CA TRP D 224 15.89 -0.91 41.51
C TRP D 224 16.15 -1.25 42.97
N THR D 225 16.81 -2.38 43.20
CA THR D 225 17.00 -2.90 44.55
C THR D 225 18.47 -3.05 44.93
N GLN D 226 19.28 -3.64 44.06
CA GLN D 226 20.62 -4.06 44.46
C GLN D 226 21.49 -2.85 44.82
N ASP D 227 22.55 -3.12 45.59
CA ASP D 227 23.39 -2.05 46.11
C ASP D 227 24.07 -1.28 44.97
N ARG D 228 24.55 -1.99 43.96
CA ARG D 228 25.25 -1.33 42.86
C ARG D 228 24.31 -0.37 42.15
N ALA D 229 24.87 0.75 41.68
CA ALA D 229 24.07 1.91 41.31
C ALA D 229 23.15 1.59 40.13
N LYS D 230 22.00 2.27 40.12
CA LYS D 230 21.00 2.08 39.09
C LYS D 230 21.58 2.41 37.71
N PRO D 231 21.46 1.51 36.73
CA PRO D 231 21.94 1.81 35.37
C PRO D 231 20.93 2.60 34.56
N VAL D 232 20.59 3.80 35.04
CA VAL D 232 19.62 4.62 34.33
C VAL D 232 20.25 5.17 33.06
N THR D 233 19.39 5.59 32.12
CA THR D 233 19.87 6.23 30.92
C THR D 233 20.78 7.40 31.28
N GLN D 234 21.96 7.43 30.68
CA GLN D 234 23.01 8.34 31.14
C GLN D 234 24.05 8.49 30.04
N ILE D 235 24.96 9.44 30.26
CA ILE D 235 26.07 9.72 29.36
C ILE D 235 27.37 9.41 30.08
N VAL D 236 28.24 8.66 29.43
CA VAL D 236 29.58 8.38 29.92
C VAL D 236 30.56 8.92 28.90
N SER D 237 31.53 9.70 29.37
CA SER D 237 32.48 10.37 28.50
C SER D 237 33.90 10.17 29.01
N ALA D 238 34.86 10.23 28.08
CA ALA D 238 36.27 10.33 28.40
C ALA D 238 36.87 11.39 27.50
N GLU D 239 37.84 12.15 28.02
CA GLU D 239 38.37 13.32 27.33
C GLU D 239 39.88 13.22 27.21
N ALA D 240 40.48 14.26 26.63
CA ALA D 240 41.92 14.42 26.47
C ALA D 240 42.20 15.78 25.84
N TRP D 241 43.40 16.30 26.09
CA TRP D 241 43.84 17.59 25.56
C TRP D 241 45.03 17.40 24.62
N GLY D 242 45.41 18.49 23.96
CA GLY D 242 46.58 18.45 23.10
C GLY D 242 47.86 18.33 23.88
N ARG D 243 48.91 17.87 23.20
CA ARG D 243 50.18 17.56 23.83
C ARG D 243 51.32 18.22 23.06
N ALA D 244 52.53 18.07 23.57
CA ALA D 244 53.74 18.61 22.94
C ALA D 244 53.87 18.14 21.50
C01 A1LXU E . -12.67 -1.73 -5.91
C02 A1LXU E . -13.62 -2.53 -5.28
C03 A1LXU E . -14.84 -1.88 -4.82
C05 A1LXU E . -14.05 0.24 -5.63
C08 A1LXU E . -10.50 -1.35 -7.29
C09 A1LXU E . -9.86 -0.06 -6.69
C10 A1LXU E . -8.68 0.42 -7.57
C13 A1LXU E . -7.69 1.40 -6.90
C14 A1LXU E . -6.88 2.07 -8.03
C18 A1LXU E . -12.06 -4.46 -5.53
C19 A1LXU E . -10.98 -3.50 -6.01
C21 A1LXU E . -14.31 -5.04 -4.76
C22 A1LXU E . -14.22 -5.73 -3.43
C24 A1LXU E . -13.31 -6.92 -3.40
N04 A1LXU E . -14.99 -0.52 -5.02
N06 A1LXU E . -12.92 -0.39 -6.06
N07 A1LXU E . -11.43 -2.13 -6.41
N17 A1LXU E . -13.31 -3.99 -5.16
O11 A1LXU E . -10.73 1.08 -6.66
O12 A1LXU E . -7.92 -0.64 -8.14
O15 A1LXU E . -8.31 2.39 -6.07
O16 A1LXU E . -7.73 2.77 -8.94
O20 A1LXU E . -11.77 -5.65 -5.49
O25 A1LXU E . -14.19 1.43 -5.80
O26 A1LXU E . -15.80 -2.38 -4.23
H082 A1LXU E . -9.70 -2.00 -7.62
H081 A1LXU E . -11.03 -1.08 -8.20
H091 A1LXU E . -9.54 -0.28 -5.67
H101 A1LXU E . -9.17 0.97 -8.36
H131 A1LXU E . -6.99 0.84 -6.29
H141 A1LXU E . -6.16 2.77 -7.60
H142 A1LXU E . -6.33 1.31 -8.58
H192 A1LXU E . -10.24 -3.44 -5.23
H191 A1LXU E . -10.46 -3.98 -6.84
H212 A1LXU E . -14.35 -5.82 -5.50
H211 A1LXU E . -15.31 -4.65 -4.81
H241 A1LXU E . -13.04 -7.22 -4.40
H242 A1LXU E . -13.80 -7.76 -2.93
H243 A1LXU E . -12.42 -6.70 -2.86
H041 A1LXU E . -15.86 -0.08 -4.68
H061 A1LXU E . -12.21 0.18 -6.53
H111 A1LXU E . -10.90 1.28 -7.61
H121 A1LXU E . -7.87 -0.58 -9.11
H151 A1LXU E . -7.72 2.53 -5.31
H161 A1LXU E . -7.19 3.15 -9.67
#